data_9L3S
#
_entry.id   9L3S
#
_cell.length_a   127.304
_cell.length_b   127.304
_cell.length_c   255.405
_cell.angle_alpha   90.00
_cell.angle_beta   90.00
_cell.angle_gamma   90.00
#
_symmetry.space_group_name_H-M   'P 41 2 2'
#
loop_
_entity.id
_entity.type
_entity.pdbx_description
1 polymer 'Lipase 2'
2 non-polymer 'OCTANOIC ACID (CAPRYLIC ACID)'
3 non-polymer 'PROPANOIC ACID'
4 non-polymer GLYCEROL
5 non-polymer Penfluridol
6 non-polymer 'FORMIC ACID'
7 non-polymer 'ZINC ION'
8 non-polymer 'CALCIUM ION'
9 non-polymer 'HEXANOIC ACID'
10 non-polymer 'CHLORIDE ION'
11 non-polymer 'butanoic acid'
12 non-polymer 'UNDECANOIC ACID'
#
_entity_poly.entity_id   1
_entity_poly.type   'polypeptide(L)'
_entity_poly.pdbx_seq_one_letter_code
;MNHKVHHHHHHMKANQVQPLNKYPVVFVHGFLGLVGDNAPALYPNYWGGNKFKVIEELRKQGYNVHQASVSAFGSNYDRA
VQLYYYIKGGRVDYGAAHAAKYGHERYGKTYKGIMPNWEPGKKVHLVGHSMGGQTIRLMEEFLRNGNKEEIAYHQAHGGE
ISPLFTGGHNNMVASITTLATPHNGSQAADKFGNTEAVRKIMFALNRFMGNKYSNIDLGLTQWGFKQLPNESYIDYIKRV
SKSKIWTSDDNAAYDLTLDGSAKLNNMTSMNPNITYTTYTGVSSHTGPLGYENPDLGTFFLMDTTSRIIGHDAREEWRKN
DGVVPVISSLHPSNQPFVNVTNNEPATRRGIWQVKPILQGWDHVDFIGVDFLDFKRKGSELANFYIGIINDLLSVEATEG
KGTQLKAS
;
_entity_poly.pdbx_strand_id   A,B
#
# COMPACT_ATOMS: atom_id res chain seq x y z
N GLN A 18 -5.46 -38.73 18.55
CA GLN A 18 -6.06 -37.39 18.79
C GLN A 18 -6.21 -36.61 17.47
N PRO A 19 -5.11 -36.16 16.79
CA PRO A 19 -5.23 -35.34 15.58
C PRO A 19 -5.58 -36.14 14.32
N LEU A 20 -6.36 -35.52 13.44
CA LEU A 20 -6.85 -36.14 12.21
C LEU A 20 -5.70 -36.60 11.31
N ASN A 21 -4.52 -35.98 11.45
CA ASN A 21 -3.35 -36.31 10.67
C ASN A 21 -2.29 -36.94 11.58
N LYS A 22 -1.86 -38.16 11.24
CA LYS A 22 -1.00 -38.93 12.12
C LYS A 22 0.41 -38.35 12.10
N TYR A 23 0.80 -37.72 10.99
CA TYR A 23 2.09 -37.05 10.88
C TYR A 23 1.87 -35.55 10.89
N PRO A 24 2.63 -34.80 11.71
CA PRO A 24 2.50 -33.34 11.78
C PRO A 24 2.85 -32.66 10.45
N VAL A 25 2.22 -31.51 10.21
CA VAL A 25 2.53 -30.75 9.02
C VAL A 25 3.32 -29.51 9.43
N VAL A 26 4.49 -29.34 8.81
CA VAL A 26 5.33 -28.18 9.05
C VAL A 26 5.34 -27.27 7.81
N PHE A 27 5.00 -26.00 8.01
CA PHE A 27 5.00 -25.01 6.94
C PHE A 27 6.27 -24.17 6.99
N VAL A 28 7.00 -24.14 5.87
CA VAL A 28 8.30 -23.51 5.87
C VAL A 28 8.30 -22.27 4.97
N HIS A 29 8.45 -21.09 5.58
CA HIS A 29 8.35 -19.83 4.87
C HIS A 29 9.58 -19.63 3.98
N GLY A 30 9.50 -18.62 3.10
CA GLY A 30 10.55 -18.37 2.14
C GLY A 30 11.54 -17.29 2.59
N PHE A 31 12.01 -16.52 1.61
CA PHE A 31 12.96 -15.45 1.77
C PHE A 31 12.26 -14.22 2.35
N LEU A 32 12.90 -13.54 3.32
CA LEU A 32 12.35 -12.40 4.04
C LEU A 32 11.22 -12.81 5.00
N GLY A 33 10.96 -14.12 5.09
CA GLY A 33 9.89 -14.62 5.92
C GLY A 33 10.15 -14.36 7.40
N LEU A 34 9.26 -13.56 8.03
CA LEU A 34 9.24 -13.43 9.48
C LEU A 34 7.90 -13.94 10.00
N VAL A 35 7.94 -14.84 10.97
CA VAL A 35 6.73 -15.48 11.44
C VAL A 35 6.72 -15.46 12.97
N GLY A 36 5.53 -15.65 13.53
CA GLY A 36 5.40 -15.83 14.97
C GLY A 36 5.91 -14.63 15.78
N ASP A 37 6.72 -14.95 16.80
CA ASP A 37 7.15 -13.97 17.78
C ASP A 37 8.26 -13.08 17.23
N ASN A 38 8.69 -13.38 16.00
CA ASN A 38 9.87 -12.78 15.40
C ASN A 38 9.50 -11.73 14.36
N ALA A 39 8.25 -11.27 14.37
CA ALA A 39 7.87 -10.25 13.41
C ALA A 39 7.89 -8.91 14.11
N PRO A 40 7.99 -7.79 13.37
CA PRO A 40 7.75 -6.47 13.96
C PRO A 40 6.36 -6.29 14.59
N ALA A 41 6.16 -5.14 15.25
CA ALA A 41 4.97 -4.85 16.02
C ALA A 41 3.71 -4.87 15.15
N LEU A 42 3.76 -4.14 14.03
CA LEU A 42 2.79 -4.24 12.95
C LEU A 42 3.43 -4.96 11.76
N TYR A 43 2.84 -6.06 11.32
CA TYR A 43 3.42 -6.80 10.20
C TYR A 43 2.43 -7.88 9.77
N PRO A 44 2.35 -8.17 8.45
CA PRO A 44 1.40 -9.16 7.94
C PRO A 44 1.74 -10.53 8.51
N ASN A 45 0.72 -11.38 8.55
CA ASN A 45 0.87 -12.72 9.09
C ASN A 45 1.15 -13.66 7.91
N TYR A 46 2.33 -14.31 7.93
CA TYR A 46 2.88 -14.95 6.75
C TYR A 46 1.93 -15.99 6.18
N TRP A 47 1.53 -16.94 7.03
CA TRP A 47 0.74 -18.05 6.57
C TRP A 47 -0.75 -17.74 6.64
N GLY A 48 -1.22 -17.04 5.60
CA GLY A 48 -2.63 -16.93 5.38
C GLY A 48 -3.12 -15.49 5.37
N GLY A 49 -2.24 -14.58 5.82
CA GLY A 49 -2.60 -13.18 5.90
C GLY A 49 -3.80 -12.98 6.81
N ASN A 50 -4.75 -12.16 6.34
CA ASN A 50 -6.02 -12.00 7.03
C ASN A 50 -7.10 -12.75 6.27
N LYS A 51 -6.70 -13.45 5.20
CA LYS A 51 -7.64 -14.15 4.36
C LYS A 51 -7.96 -15.54 4.93
N PHE A 52 -6.96 -16.23 5.47
CA PHE A 52 -7.19 -17.56 6.00
C PHE A 52 -6.06 -17.91 6.95
N LYS A 53 -6.35 -17.93 8.25
CA LYS A 53 -5.27 -18.05 9.21
C LYS A 53 -4.85 -19.51 9.26
N VAL A 54 -3.90 -19.87 8.38
CA VAL A 54 -3.57 -21.26 8.13
C VAL A 54 -3.38 -22.03 9.44
N ILE A 55 -2.48 -21.56 10.31
CA ILE A 55 -2.11 -22.36 11.46
C ILE A 55 -3.28 -22.48 12.43
N GLU A 56 -3.92 -21.33 12.70
CA GLU A 56 -4.97 -21.24 13.70
C GLU A 56 -6.20 -22.06 13.28
N GLU A 57 -6.62 -21.93 12.02
CA GLU A 57 -7.85 -22.52 11.48
C GLU A 57 -7.73 -24.03 11.33
N LEU A 58 -6.64 -24.48 10.69
CA LEU A 58 -6.41 -25.91 10.51
C LEU A 58 -6.39 -26.59 11.87
N ARG A 59 -5.93 -25.87 12.90
CA ARG A 59 -5.85 -26.40 14.25
C ARG A 59 -7.25 -26.51 14.83
N LYS A 60 -8.08 -25.48 14.60
CA LYS A 60 -9.46 -25.46 15.08
C LYS A 60 -10.19 -26.68 14.55
N GLN A 61 -9.87 -27.09 13.32
CA GLN A 61 -10.44 -28.27 12.69
C GLN A 61 -9.70 -29.55 13.08
N GLY A 62 -8.82 -29.47 14.09
CA GLY A 62 -8.16 -30.65 14.66
C GLY A 62 -7.06 -31.26 13.78
N TYR A 63 -6.28 -30.42 13.10
CA TYR A 63 -5.08 -30.88 12.39
C TYR A 63 -3.85 -30.37 13.13
N ASN A 64 -2.83 -31.23 13.27
CA ASN A 64 -1.58 -30.86 13.93
C ASN A 64 -0.67 -30.20 12.90
N VAL A 65 -0.48 -28.89 13.07
CA VAL A 65 0.24 -28.08 12.10
C VAL A 65 1.10 -27.08 12.86
N HIS A 66 2.25 -26.74 12.29
CA HIS A 66 3.22 -25.87 12.93
C HIS A 66 3.85 -24.99 11.85
N GLN A 67 4.41 -23.85 12.25
CA GLN A 67 5.10 -23.02 11.26
C GLN A 67 6.56 -22.85 11.68
N ALA A 68 7.50 -23.31 10.85
CA ALA A 68 8.91 -23.15 11.18
C ALA A 68 9.29 -21.68 11.06
N SER A 69 10.29 -21.34 11.88
CA SER A 69 10.97 -20.07 11.85
C SER A 69 12.45 -20.30 11.53
N VAL A 70 12.87 -19.88 10.34
CA VAL A 70 14.26 -20.04 9.97
C VAL A 70 14.74 -18.75 9.32
N SER A 71 16.03 -18.73 8.98
CA SER A 71 16.76 -17.55 8.56
C SER A 71 16.04 -16.88 7.38
N ALA A 72 15.78 -15.59 7.51
CA ALA A 72 15.07 -14.90 6.45
C ALA A 72 16.01 -14.58 5.30
N PHE A 73 17.29 -14.39 5.63
CA PHE A 73 18.24 -13.96 4.61
C PHE A 73 19.32 -15.01 4.38
N GLY A 74 19.30 -16.06 5.19
CA GLY A 74 20.31 -17.09 5.12
C GLY A 74 20.25 -17.89 3.81
N SER A 75 21.35 -18.57 3.51
CA SER A 75 21.41 -19.54 2.44
C SER A 75 20.44 -20.69 2.75
N ASN A 76 20.14 -21.50 1.74
CA ASN A 76 19.32 -22.70 1.89
C ASN A 76 20.05 -23.67 2.82
N TYR A 77 21.39 -23.72 2.73
CA TYR A 77 22.14 -24.59 3.61
C TYR A 77 21.80 -24.20 5.05
N ASP A 78 21.97 -22.90 5.36
CA ASP A 78 21.83 -22.47 6.75
C ASP A 78 20.41 -22.78 7.22
N ARG A 79 19.43 -22.50 6.35
CA ARG A 79 18.01 -22.64 6.64
C ARG A 79 17.64 -24.11 6.84
N ALA A 80 18.27 -24.96 6.03
CA ALA A 80 18.03 -26.39 6.08
C ALA A 80 18.52 -26.94 7.42
N VAL A 81 19.68 -26.42 7.87
CA VAL A 81 20.21 -26.87 9.14
C VAL A 81 19.25 -26.40 10.24
N GLN A 82 18.86 -25.11 10.16
CA GLN A 82 17.96 -24.49 11.12
C GLN A 82 16.64 -25.25 11.19
N LEU A 83 16.10 -25.61 10.01
CA LEU A 83 14.84 -26.34 9.93
C LEU A 83 14.92 -27.62 10.76
N TYR A 84 16.02 -28.37 10.58
CA TYR A 84 16.20 -29.63 11.27
C TYR A 84 16.08 -29.39 12.77
N TYR A 85 16.77 -28.33 13.24
CA TYR A 85 16.81 -28.06 14.67
C TYR A 85 15.47 -27.48 15.14
N TYR A 86 14.75 -26.82 14.25
CA TYR A 86 13.43 -26.32 14.62
C TYR A 86 12.55 -27.51 14.98
N ILE A 87 12.65 -28.60 14.22
CA ILE A 87 11.75 -29.72 14.44
C ILE A 87 12.23 -30.53 15.63
N LYS A 88 13.53 -30.85 15.62
CA LYS A 88 14.12 -31.83 16.52
C LYS A 88 14.42 -31.20 17.88
N GLY A 89 14.75 -29.90 17.88
CA GLY A 89 15.29 -29.20 19.03
C GLY A 89 16.80 -29.37 19.15
N GLY A 90 17.47 -28.40 19.78
CA GLY A 90 18.91 -28.45 19.99
C GLY A 90 19.60 -27.18 19.51
N ARG A 91 20.94 -27.16 19.60
CA ARG A 91 21.72 -25.99 19.20
C ARG A 91 22.11 -26.13 17.74
N VAL A 92 21.67 -25.19 16.90
CA VAL A 92 22.01 -25.24 15.49
C VAL A 92 23.51 -25.48 15.37
N ASP A 93 23.88 -26.49 14.58
CA ASP A 93 25.27 -26.80 14.25
C ASP A 93 25.40 -26.79 12.73
N TYR A 94 25.93 -25.69 12.17
CA TYR A 94 26.10 -25.57 10.73
C TYR A 94 27.20 -26.52 10.23
N GLY A 95 27.91 -27.16 11.17
CA GLY A 95 28.98 -28.06 10.81
C GLY A 95 30.30 -27.34 10.62
N ALA A 96 31.37 -27.97 11.14
CA ALA A 96 32.69 -27.36 11.28
C ALA A 96 33.29 -26.97 9.91
N ALA A 97 33.13 -27.86 8.93
CA ALA A 97 33.75 -27.64 7.63
C ALA A 97 33.09 -26.48 6.91
N HIS A 98 31.75 -26.46 6.99
CA HIS A 98 30.95 -25.42 6.35
C HIS A 98 31.40 -24.06 6.89
N ALA A 99 31.39 -24.00 8.23
CA ALA A 99 31.68 -22.80 8.99
C ALA A 99 33.04 -22.27 8.56
N ALA A 100 34.01 -23.18 8.55
CA ALA A 100 35.39 -22.89 8.19
C ALA A 100 35.47 -22.42 6.74
N LYS A 101 34.77 -23.10 5.82
CA LYS A 101 34.81 -22.70 4.42
C LYS A 101 34.31 -21.27 4.23
N TYR A 102 33.16 -20.90 4.82
CA TYR A 102 32.49 -19.66 4.40
C TYR A 102 32.81 -18.51 5.35
N GLY A 103 33.20 -18.88 6.58
CA GLY A 103 33.70 -17.94 7.57
C GLY A 103 32.62 -17.33 8.45
N HIS A 104 31.76 -18.18 9.01
CA HIS A 104 30.69 -17.77 9.93
C HIS A 104 30.67 -18.77 11.09
N GLU A 105 30.03 -18.39 12.19
CA GLU A 105 30.04 -19.20 13.39
C GLU A 105 29.59 -20.62 13.09
N ARG A 106 30.19 -21.58 13.77
CA ARG A 106 29.75 -22.93 13.60
C ARG A 106 28.42 -23.18 14.33
N TYR A 107 28.24 -22.58 15.52
CA TYR A 107 27.01 -22.81 16.27
C TYR A 107 26.10 -21.59 16.21
N GLY A 108 24.80 -21.85 16.37
CA GLY A 108 23.79 -20.81 16.19
C GLY A 108 22.71 -20.88 17.28
N LYS A 109 21.48 -20.47 16.95
CA LYS A 109 20.44 -20.41 17.96
C LYS A 109 20.12 -21.82 18.47
N THR A 110 19.48 -21.88 19.64
CA THR A 110 19.12 -23.20 20.08
C THR A 110 17.59 -23.25 20.16
N TYR A 111 16.97 -24.33 19.67
CA TYR A 111 15.53 -24.36 19.46
C TYR A 111 14.93 -25.34 20.47
N LYS A 112 13.73 -25.02 20.98
CA LYS A 112 13.00 -25.88 21.90
C LYS A 112 12.80 -27.27 21.26
N GLY A 113 12.27 -27.28 20.03
CA GLY A 113 11.91 -28.50 19.32
C GLY A 113 10.42 -28.82 19.35
N ILE A 114 9.80 -28.89 18.18
CA ILE A 114 8.37 -29.05 18.03
C ILE A 114 8.03 -30.54 18.19
N MET A 115 9.04 -31.40 18.05
CA MET A 115 8.84 -32.83 17.89
C MET A 115 10.10 -33.54 18.37
N PRO A 116 10.42 -33.54 19.69
CA PRO A 116 11.76 -33.92 20.16
C PRO A 116 12.12 -35.38 19.92
N ASN A 117 11.12 -36.20 19.61
CA ASN A 117 11.25 -37.64 19.41
C ASN A 117 11.57 -38.00 17.97
N TRP A 118 11.57 -37.00 17.09
CA TRP A 118 11.68 -37.20 15.65
C TRP A 118 12.88 -38.08 15.33
N GLU A 119 12.61 -39.18 14.62
CA GLU A 119 13.59 -40.19 14.26
C GLU A 119 12.94 -41.11 13.23
N PRO A 120 13.71 -41.95 12.50
CA PRO A 120 13.10 -42.87 11.54
C PRO A 120 11.90 -43.55 12.19
N GLY A 121 10.76 -43.57 11.48
CA GLY A 121 9.55 -44.14 12.04
C GLY A 121 8.50 -43.05 12.28
N LYS A 122 8.92 -41.98 12.95
CA LYS A 122 8.03 -40.87 13.22
C LYS A 122 8.19 -39.89 12.07
N LYS A 123 7.11 -39.56 11.37
CA LYS A 123 7.29 -38.81 10.14
C LYS A 123 6.64 -37.44 10.22
N VAL A 124 6.98 -36.61 9.24
CA VAL A 124 6.52 -35.23 9.20
C VAL A 124 6.17 -34.91 7.75
N HIS A 125 5.12 -34.11 7.54
CA HIS A 125 4.79 -33.57 6.23
C HIS A 125 5.37 -32.15 6.13
N LEU A 126 6.03 -31.87 4.99
CA LEU A 126 6.69 -30.59 4.80
C LEU A 126 6.03 -29.87 3.61
N VAL A 127 5.59 -28.62 3.88
CA VAL A 127 5.08 -27.78 2.81
C VAL A 127 5.75 -26.41 2.89
N GLY A 128 6.24 -25.95 1.74
CA GLY A 128 7.19 -24.84 1.73
C GLY A 128 6.74 -23.81 0.71
N HIS A 129 6.76 -22.54 1.11
CA HIS A 129 6.35 -21.52 0.17
C HIS A 129 7.65 -20.95 -0.37
N SER A 130 7.67 -20.74 -1.68
CA SER A 130 8.81 -20.12 -2.34
C SER A 130 10.09 -20.85 -1.90
N MET A 131 11.07 -20.09 -1.41
CA MET A 131 12.38 -20.62 -1.09
C MET A 131 12.25 -21.71 -0.02
N GLY A 132 11.14 -21.68 0.73
CA GLY A 132 10.88 -22.74 1.70
C GLY A 132 10.89 -24.10 1.02
N GLY A 133 10.43 -24.13 -0.24
CA GLY A 133 10.49 -25.33 -1.05
C GLY A 133 11.90 -25.90 -1.15
N GLN A 134 12.86 -25.03 -1.53
CA GLN A 134 14.24 -25.46 -1.64
C GLN A 134 14.77 -25.94 -0.29
N THR A 135 14.50 -25.17 0.77
CA THR A 135 14.99 -25.50 2.09
C THR A 135 14.60 -26.92 2.49
N ILE A 136 13.33 -27.26 2.28
CA ILE A 136 12.80 -28.58 2.62
C ILE A 136 13.58 -29.67 1.88
N ARG A 137 13.80 -29.47 0.58
CA ARG A 137 14.49 -30.47 -0.24
C ARG A 137 15.90 -30.72 0.31
N LEU A 138 16.64 -29.65 0.65
CA LEU A 138 18.00 -29.81 1.12
C LEU A 138 18.03 -30.51 2.47
N MET A 139 17.02 -30.26 3.32
CA MET A 139 17.07 -30.89 4.63
C MET A 139 16.92 -32.40 4.47
N GLU A 140 15.99 -32.82 3.59
CA GLU A 140 15.82 -34.24 3.35
C GLU A 140 17.11 -34.89 2.82
N GLU A 141 17.83 -34.18 1.94
CA GLU A 141 19.13 -34.61 1.43
C GLU A 141 20.06 -34.98 2.58
N PHE A 142 20.25 -34.03 3.50
CA PHE A 142 21.09 -34.25 4.66
C PHE A 142 20.63 -35.48 5.45
N LEU A 143 19.32 -35.59 5.66
CA LEU A 143 18.81 -36.69 6.46
C LEU A 143 19.19 -38.05 5.86
N ARG A 144 19.03 -38.17 4.54
CA ARG A 144 19.17 -39.44 3.82
C ARG A 144 20.64 -39.75 3.52
N ASN A 145 21.39 -38.73 3.06
CA ASN A 145 22.68 -38.90 2.44
C ASN A 145 23.78 -38.10 3.13
N GLY A 146 23.47 -37.50 4.28
CA GLY A 146 24.46 -36.75 5.03
C GLY A 146 25.06 -35.58 4.25
N ASN A 147 26.11 -34.97 4.83
CA ASN A 147 26.88 -33.90 4.21
C ASN A 147 28.31 -34.39 4.01
N LYS A 148 28.77 -34.46 2.76
CA LYS A 148 30.04 -35.12 2.45
C LYS A 148 31.23 -34.42 3.12
N GLU A 149 31.27 -33.09 2.99
CA GLU A 149 32.36 -32.27 3.54
C GLU A 149 32.44 -32.39 5.05
N GLU A 150 31.32 -32.61 5.75
CA GLU A 150 31.38 -32.69 7.20
C GLU A 150 31.81 -34.10 7.60
N ILE A 151 31.30 -35.09 6.87
CA ILE A 151 31.70 -36.48 7.07
C ILE A 151 33.22 -36.56 6.93
N ALA A 152 33.72 -36.00 5.81
CA ALA A 152 35.13 -35.94 5.45
C ALA A 152 35.97 -35.23 6.51
N TYR A 153 35.47 -34.11 7.05
CA TYR A 153 36.22 -33.30 8.00
C TYR A 153 36.32 -34.04 9.34
N HIS A 154 35.18 -34.59 9.81
CA HIS A 154 35.22 -35.35 11.04
C HIS A 154 36.04 -36.63 10.85
N GLN A 155 36.18 -37.11 9.60
CA GLN A 155 37.14 -38.18 9.33
C GLN A 155 38.56 -37.72 9.65
N ALA A 156 39.07 -36.75 8.88
CA ALA A 156 40.41 -36.22 9.04
C ALA A 156 40.70 -35.70 10.47
N HIS A 157 39.77 -34.98 11.09
CA HIS A 157 40.15 -34.19 12.27
C HIS A 157 39.40 -34.62 13.52
N GLY A 158 38.65 -35.73 13.50
CA GLY A 158 37.92 -36.19 14.68
C GLY A 158 36.87 -35.18 15.14
N GLY A 159 36.45 -35.26 16.41
CA GLY A 159 35.44 -34.35 16.93
C GLY A 159 34.07 -35.01 16.94
N GLU A 160 33.04 -34.22 17.31
CA GLU A 160 31.66 -34.70 17.24
C GLU A 160 31.03 -34.11 15.97
N ILE A 161 30.11 -34.88 15.36
CA ILE A 161 29.43 -34.47 14.13
C ILE A 161 27.92 -34.50 14.38
N SER A 162 27.23 -33.50 13.82
CA SER A 162 25.78 -33.51 13.94
C SER A 162 25.22 -34.75 13.26
N PRO A 163 24.20 -35.43 13.82
CA PRO A 163 23.50 -36.54 13.13
C PRO A 163 22.92 -36.14 11.78
N LEU A 164 22.58 -34.85 11.64
CA LEU A 164 21.99 -34.35 10.41
C LEU A 164 22.93 -34.64 9.25
N PHE A 165 24.23 -34.60 9.50
CA PHE A 165 25.23 -34.67 8.45
C PHE A 165 25.75 -36.09 8.18
N THR A 166 25.37 -37.05 9.04
CA THR A 166 25.82 -38.43 9.00
C THR A 166 25.29 -39.17 7.78
N GLY A 167 23.98 -39.09 7.55
CA GLY A 167 23.32 -39.90 6.54
C GLY A 167 22.64 -41.12 7.14
N GLY A 168 21.70 -41.72 6.39
CA GLY A 168 21.08 -42.96 6.80
C GLY A 168 19.83 -42.76 7.63
N HIS A 169 19.45 -41.49 7.85
CA HIS A 169 18.22 -41.22 8.58
C HIS A 169 17.10 -41.17 7.54
N ASN A 170 16.34 -42.26 7.42
CA ASN A 170 15.31 -42.36 6.40
C ASN A 170 13.95 -42.54 7.07
N ASN A 171 12.89 -42.46 6.25
CA ASN A 171 11.57 -42.74 6.79
C ASN A 171 11.25 -41.70 7.87
N MET A 172 11.49 -40.41 7.56
CA MET A 172 11.26 -39.34 8.51
C MET A 172 10.43 -38.23 7.87
N VAL A 173 10.40 -38.19 6.52
CA VAL A 173 9.55 -37.22 5.85
C VAL A 173 8.65 -37.92 4.83
N ALA A 174 7.34 -37.75 5.00
CA ALA A 174 6.28 -38.40 4.22
C ALA A 174 6.06 -37.69 2.88
N SER A 175 6.08 -36.37 2.91
CA SER A 175 5.70 -35.58 1.75
C SER A 175 6.56 -34.31 1.65
N ILE A 176 6.84 -33.90 0.42
CA ILE A 176 7.36 -32.57 0.14
C ILE A 176 6.43 -31.91 -0.86
N THR A 177 5.91 -30.74 -0.48
CA THR A 177 4.94 -30.03 -1.29
C THR A 177 5.31 -28.55 -1.35
N THR A 178 5.41 -28.00 -2.56
CA THR A 178 5.94 -26.66 -2.74
C THR A 178 4.91 -25.73 -3.39
N LEU A 179 4.76 -24.52 -2.82
CA LEU A 179 3.91 -23.45 -3.34
C LEU A 179 4.80 -22.36 -3.93
N ALA A 180 4.76 -22.20 -5.25
CA ALA A 180 5.48 -21.17 -5.96
C ALA A 180 6.96 -21.14 -5.59
N THR A 181 7.60 -22.33 -5.56
CA THR A 181 9.02 -22.39 -5.25
C THR A 181 9.86 -22.20 -6.50
N PRO A 182 10.91 -21.35 -6.48
CA PRO A 182 11.73 -21.16 -7.68
C PRO A 182 12.78 -22.27 -7.76
N HIS A 183 12.32 -23.51 -8.03
CA HIS A 183 13.15 -24.70 -8.09
C HIS A 183 14.38 -24.47 -8.97
N ASN A 184 14.18 -23.73 -10.08
CA ASN A 184 15.21 -23.48 -11.06
C ASN A 184 15.70 -22.03 -11.00
N GLY A 185 15.40 -21.35 -9.88
CA GLY A 185 15.90 -20.01 -9.61
C GLY A 185 15.03 -18.94 -10.27
N SER A 186 15.50 -17.69 -10.25
CA SER A 186 14.74 -16.60 -10.84
C SER A 186 15.66 -15.47 -11.30
N GLN A 187 15.34 -14.93 -12.48
CA GLN A 187 16.04 -13.79 -13.06
C GLN A 187 15.98 -12.60 -12.10
N ALA A 188 14.91 -12.52 -11.32
CA ALA A 188 14.74 -11.45 -10.35
C ALA A 188 15.94 -11.46 -9.40
N ALA A 189 16.39 -12.67 -9.02
CA ALA A 189 17.60 -12.81 -8.21
C ALA A 189 18.84 -12.43 -9.02
N ASP A 190 18.94 -13.01 -10.25
CA ASP A 190 20.08 -12.80 -11.12
C ASP A 190 20.31 -11.31 -11.37
N LYS A 191 19.25 -10.57 -11.65
CA LYS A 191 19.43 -9.23 -12.18
C LYS A 191 19.11 -8.14 -11.14
N PHE A 192 18.70 -8.53 -9.93
CA PHE A 192 18.29 -7.55 -8.94
C PHE A 192 18.74 -7.97 -7.54
N GLY A 193 18.05 -8.97 -6.98
CA GLY A 193 18.31 -9.43 -5.62
C GLY A 193 19.79 -9.74 -5.35
N ASN A 194 20.50 -10.31 -6.34
CA ASN A 194 21.80 -10.82 -6.00
C ASN A 194 22.91 -9.89 -6.48
N THR A 195 22.51 -8.70 -6.99
CA THR A 195 23.46 -7.68 -7.38
C THR A 195 24.23 -7.13 -6.19
N GLU A 196 25.31 -6.38 -6.50
CA GLU A 196 26.21 -5.81 -5.51
C GLU A 196 25.46 -4.80 -4.65
N ALA A 197 24.86 -3.82 -5.30
CA ALA A 197 24.21 -2.73 -4.62
C ALA A 197 23.17 -3.26 -3.64
N VAL A 198 22.33 -4.20 -4.09
CA VAL A 198 21.20 -4.55 -3.22
C VAL A 198 21.62 -5.57 -2.16
N ARG A 199 22.66 -6.35 -2.43
CA ARG A 199 23.16 -7.16 -1.33
C ARG A 199 23.63 -6.27 -0.18
N LYS A 200 24.21 -5.10 -0.53
CA LYS A 200 24.78 -4.25 0.50
C LYS A 200 23.66 -3.67 1.36
N ILE A 201 22.56 -3.26 0.70
CA ILE A 201 21.35 -2.86 1.40
C ILE A 201 20.84 -3.97 2.35
N MET A 202 20.56 -5.17 1.82
CA MET A 202 20.12 -6.28 2.64
C MET A 202 21.06 -6.47 3.84
N PHE A 203 22.37 -6.38 3.61
CA PHE A 203 23.28 -6.64 4.71
C PHE A 203 23.22 -5.51 5.74
N ALA A 204 23.09 -4.28 5.25
CA ALA A 204 22.97 -3.15 6.16
C ALA A 204 21.73 -3.33 7.07
N LEU A 205 20.57 -3.60 6.47
CA LEU A 205 19.38 -3.94 7.24
C LEU A 205 19.70 -4.99 8.29
N ASN A 206 20.40 -6.05 7.90
CA ASN A 206 20.77 -7.07 8.88
C ASN A 206 21.69 -6.52 9.97
N ARG A 207 22.62 -5.64 9.56
CA ARG A 207 23.55 -5.07 10.51
C ARG A 207 22.77 -4.28 11.55
N PHE A 208 21.86 -3.44 11.04
CA PHE A 208 21.08 -2.52 11.87
C PHE A 208 20.21 -3.31 12.83
N MET A 209 19.48 -4.29 12.29
CA MET A 209 18.57 -5.05 13.14
C MET A 209 19.36 -5.98 14.06
N GLY A 210 20.68 -5.82 14.08
CA GLY A 210 21.50 -6.54 15.02
C GLY A 210 21.82 -5.68 16.23
N ASN A 211 21.27 -4.45 16.24
CA ASN A 211 21.59 -3.48 17.28
C ASN A 211 21.08 -3.96 18.64
N LYS A 212 21.62 -3.41 19.72
CA LYS A 212 21.36 -3.96 21.04
C LYS A 212 19.92 -3.70 21.51
N TYR A 213 19.14 -2.91 20.77
CA TYR A 213 17.76 -2.61 21.08
C TYR A 213 16.79 -3.45 20.24
N SER A 214 17.31 -4.36 19.41
CA SER A 214 16.47 -5.08 18.45
C SER A 214 15.95 -6.39 19.02
N ASN A 215 14.67 -6.72 18.71
CA ASN A 215 14.08 -7.96 19.17
C ASN A 215 13.71 -8.88 18.00
N ILE A 216 14.07 -8.49 16.77
CA ILE A 216 13.89 -9.40 15.64
C ILE A 216 15.24 -9.94 15.16
N ASP A 217 15.21 -11.17 14.66
CA ASP A 217 16.39 -11.88 14.19
C ASP A 217 16.24 -12.11 12.69
N LEU A 218 16.97 -11.34 11.88
CA LEU A 218 16.77 -11.42 10.44
C LEU A 218 17.52 -12.60 9.83
N GLY A 219 18.32 -13.28 10.66
CA GLY A 219 18.85 -14.61 10.33
C GLY A 219 20.31 -14.63 9.90
N LEU A 220 21.03 -13.49 10.03
CA LEU A 220 22.43 -13.46 9.63
C LEU A 220 23.36 -13.25 10.84
N THR A 221 22.97 -13.71 12.03
CA THR A 221 23.74 -13.33 13.19
C THR A 221 25.02 -14.17 13.26
N GLN A 222 24.97 -15.37 12.66
CA GLN A 222 26.13 -16.26 12.62
C GLN A 222 27.28 -15.55 11.90
N TRP A 223 26.98 -14.49 11.15
CA TRP A 223 27.97 -13.72 10.42
C TRP A 223 28.53 -12.60 11.29
N GLY A 224 28.03 -12.48 12.52
CA GLY A 224 28.47 -11.49 13.49
C GLY A 224 27.57 -10.25 13.61
N PHE A 225 26.42 -10.23 12.93
CA PHE A 225 25.50 -9.10 13.03
C PHE A 225 24.59 -9.18 14.27
N LYS A 226 25.22 -9.08 15.45
CA LYS A 226 24.61 -8.88 16.74
C LYS A 226 25.57 -8.03 17.56
N GLN A 227 25.20 -6.76 17.78
CA GLN A 227 25.94 -5.80 18.58
C GLN A 227 25.99 -6.30 20.03
N LEU A 228 27.18 -6.28 20.66
CA LEU A 228 27.35 -6.69 22.04
C LEU A 228 26.89 -5.55 22.96
N PRO A 229 26.37 -5.83 24.20
CA PRO A 229 25.53 -4.85 24.91
C PRO A 229 26.39 -3.67 25.36
N ASN A 230 27.72 -3.88 25.40
CA ASN A 230 28.68 -2.90 25.88
C ASN A 230 29.52 -2.30 24.76
N GLU A 231 29.13 -2.51 23.50
CA GLU A 231 29.92 -2.14 22.34
C GLU A 231 29.27 -0.94 21.65
N SER A 232 30.06 0.03 21.19
CA SER A 232 29.44 1.16 20.51
C SER A 232 29.02 0.76 19.11
N TYR A 233 28.09 1.51 18.53
CA TYR A 233 27.65 1.19 17.18
C TYR A 233 28.83 1.34 16.21
N ILE A 234 29.73 2.28 16.51
CA ILE A 234 30.87 2.49 15.64
C ILE A 234 31.81 1.29 15.66
N ASP A 235 32.06 0.73 16.87
CA ASP A 235 32.90 -0.45 16.98
C ASP A 235 32.21 -1.63 16.31
N TYR A 236 30.87 -1.67 16.42
CA TYR A 236 30.04 -2.71 15.84
C TYR A 236 30.25 -2.72 14.32
N ILE A 237 29.92 -1.60 13.68
CA ILE A 237 30.18 -1.39 12.26
C ILE A 237 31.57 -1.90 11.88
N LYS A 238 32.59 -1.48 12.64
CA LYS A 238 33.97 -1.81 12.35
C LYS A 238 34.16 -3.32 12.44
N ARG A 239 33.73 -3.92 13.57
CA ARG A 239 33.93 -5.35 13.77
C ARG A 239 33.36 -6.15 12.60
N VAL A 240 32.21 -5.72 12.11
CA VAL A 240 31.36 -6.54 11.28
C VAL A 240 31.71 -6.32 9.80
N SER A 241 32.44 -5.24 9.50
CA SER A 241 32.82 -5.00 8.11
C SER A 241 33.96 -5.93 7.70
N LYS A 242 34.51 -6.65 8.67
CA LYS A 242 35.51 -7.67 8.44
C LYS A 242 34.85 -9.00 8.06
N SER A 243 33.53 -9.12 8.25
CA SER A 243 32.81 -10.37 8.06
C SER A 243 32.83 -10.81 6.59
N LYS A 244 32.88 -12.14 6.37
CA LYS A 244 32.91 -12.65 4.99
C LYS A 244 31.56 -12.48 4.28
N ILE A 245 30.50 -12.18 5.04
CA ILE A 245 29.15 -12.06 4.51
C ILE A 245 29.11 -11.16 3.27
N TRP A 246 29.92 -10.09 3.26
CA TRP A 246 29.77 -9.08 2.22
C TRP A 246 30.08 -9.64 0.84
N THR A 247 30.99 -10.61 0.80
CA THR A 247 31.41 -11.13 -0.49
C THR A 247 31.10 -12.62 -0.60
N SER A 248 30.44 -13.19 0.41
CA SER A 248 30.11 -14.61 0.39
C SER A 248 28.89 -14.90 -0.48
N ASP A 249 28.72 -16.20 -0.73
CA ASP A 249 27.70 -16.80 -1.58
C ASP A 249 26.79 -17.64 -0.71
N ASP A 250 27.11 -17.69 0.59
CA ASP A 250 26.39 -18.55 1.52
C ASP A 250 25.22 -17.74 2.06
N ASN A 251 24.33 -17.31 1.15
CA ASN A 251 23.29 -16.35 1.47
C ASN A 251 22.08 -16.57 0.55
N ALA A 252 20.90 -16.11 0.94
CA ALA A 252 19.69 -16.37 0.14
C ALA A 252 19.78 -15.75 -1.27
N ALA A 253 20.30 -14.53 -1.37
CA ALA A 253 20.25 -13.85 -2.67
C ALA A 253 20.92 -14.74 -3.73
N TYR A 254 22.04 -15.38 -3.38
CA TYR A 254 22.77 -16.21 -4.31
C TYR A 254 21.99 -17.49 -4.63
N ASP A 255 21.48 -18.17 -3.59
CA ASP A 255 20.75 -19.43 -3.78
C ASP A 255 19.50 -19.27 -4.66
N LEU A 256 19.10 -18.04 -4.99
CA LEU A 256 17.83 -17.85 -5.70
C LEU A 256 18.11 -17.57 -7.17
N THR A 257 19.40 -17.44 -7.49
CA THR A 257 19.82 -17.23 -8.87
C THR A 257 19.68 -18.55 -9.63
N LEU A 258 19.82 -18.49 -10.97
CA LEU A 258 19.67 -19.70 -11.78
C LEU A 258 20.81 -20.66 -11.46
N ASP A 259 22.04 -20.13 -11.39
CA ASP A 259 23.20 -20.92 -11.00
C ASP A 259 22.96 -21.56 -9.65
N GLY A 260 22.64 -20.70 -8.68
CA GLY A 260 22.47 -21.08 -7.29
C GLY A 260 21.46 -22.21 -7.15
N SER A 261 20.34 -22.08 -7.87
CA SER A 261 19.28 -23.05 -7.71
C SER A 261 19.69 -24.38 -8.34
N ALA A 262 20.36 -24.29 -9.50
CA ALA A 262 20.89 -25.43 -10.23
C ALA A 262 21.78 -26.26 -9.31
N LYS A 263 22.72 -25.58 -8.60
CA LYS A 263 23.61 -26.26 -7.68
C LYS A 263 22.80 -27.20 -6.78
N LEU A 264 21.65 -26.74 -6.30
CA LEU A 264 20.90 -27.54 -5.34
C LEU A 264 20.24 -28.70 -6.07
N ASN A 265 19.95 -28.49 -7.34
CA ASN A 265 19.26 -29.48 -8.15
C ASN A 265 20.21 -30.65 -8.40
N ASN A 266 21.45 -30.29 -8.77
CA ASN A 266 22.55 -31.21 -9.04
C ASN A 266 22.91 -32.05 -7.83
N MET A 267 22.61 -31.56 -6.62
CA MET A 267 23.03 -32.31 -5.45
C MET A 267 21.82 -32.89 -4.72
N THR A 268 20.66 -32.94 -5.36
CA THR A 268 19.52 -33.60 -4.72
C THR A 268 19.02 -34.75 -5.58
N SER A 269 18.21 -35.64 -4.99
CA SER A 269 17.75 -36.82 -5.71
C SER A 269 16.37 -37.16 -5.21
N MET A 270 15.64 -37.99 -5.96
CA MET A 270 14.29 -38.37 -5.55
C MET A 270 14.34 -39.45 -4.47
N ASN A 271 13.69 -39.16 -3.34
CA ASN A 271 13.41 -40.19 -2.36
C ASN A 271 12.15 -40.93 -2.80
N PRO A 272 12.24 -42.22 -3.13
CA PRO A 272 11.08 -42.95 -3.61
C PRO A 272 9.97 -43.25 -2.62
N ASN A 273 10.09 -42.84 -1.35
CA ASN A 273 8.95 -42.97 -0.44
C ASN A 273 8.27 -41.64 -0.16
N ILE A 274 8.87 -40.55 -0.66
CA ILE A 274 8.29 -39.25 -0.41
C ILE A 274 7.28 -38.96 -1.51
N THR A 275 6.14 -38.37 -1.12
CA THR A 275 5.14 -37.94 -2.07
C THR A 275 5.36 -36.48 -2.46
N TYR A 276 5.84 -36.25 -3.69
CA TYR A 276 6.26 -34.92 -4.10
C TYR A 276 5.20 -34.29 -4.98
N THR A 277 4.86 -33.05 -4.65
CA THR A 277 3.76 -32.34 -5.29
C THR A 277 4.09 -30.85 -5.43
N THR A 278 3.71 -30.22 -6.56
CA THR A 278 3.96 -28.78 -6.70
C THR A 278 2.74 -27.98 -7.18
N TYR A 279 2.65 -26.72 -6.74
CA TYR A 279 1.66 -25.76 -7.23
C TYR A 279 2.36 -24.51 -7.77
N THR A 280 1.71 -23.86 -8.76
CA THR A 280 2.36 -22.79 -9.50
C THR A 280 1.34 -21.72 -9.84
N GLY A 281 1.78 -20.47 -9.83
CA GLY A 281 0.86 -19.42 -10.19
C GLY A 281 1.37 -18.66 -11.40
N VAL A 282 0.41 -18.16 -12.20
CA VAL A 282 0.73 -17.18 -13.23
C VAL A 282 -0.12 -15.94 -12.98
N SER A 283 0.49 -14.78 -13.25
CA SER A 283 -0.04 -13.50 -12.86
C SER A 283 0.55 -12.44 -13.79
N SER A 284 0.98 -12.91 -14.96
CA SER A 284 1.41 -12.06 -16.05
C SER A 284 0.50 -12.32 -17.25
N HIS A 285 0.61 -11.47 -18.27
CA HIS A 285 -0.18 -11.58 -19.50
C HIS A 285 0.69 -11.18 -20.68
N THR A 286 0.35 -11.71 -21.86
CA THR A 286 1.25 -11.57 -23.01
C THR A 286 1.00 -10.25 -23.70
N GLY A 287 2.08 -9.51 -23.93
CA GLY A 287 2.02 -8.13 -24.36
C GLY A 287 2.27 -7.97 -25.86
N PRO A 288 2.76 -6.78 -26.30
CA PRO A 288 2.88 -6.48 -27.73
C PRO A 288 3.80 -7.47 -28.46
N LEU A 289 5.02 -7.65 -27.92
CA LEU A 289 6.09 -8.30 -28.66
C LEU A 289 6.22 -9.76 -28.25
N GLY A 290 5.29 -10.26 -27.42
CA GLY A 290 5.35 -11.62 -26.87
C GLY A 290 6.00 -11.65 -25.49
N TYR A 291 6.36 -10.47 -24.97
CA TYR A 291 6.85 -10.30 -23.62
C TYR A 291 5.70 -10.38 -22.61
N GLU A 292 6.01 -10.57 -21.33
CA GLU A 292 4.99 -10.76 -20.31
C GLU A 292 5.01 -9.59 -19.34
N ASN A 293 3.82 -9.08 -19.02
CA ASN A 293 3.71 -8.00 -18.05
C ASN A 293 2.82 -8.41 -16.89
N PRO A 294 3.06 -7.84 -15.70
CA PRO A 294 2.24 -8.17 -14.54
C PRO A 294 0.81 -7.72 -14.77
N ASP A 295 -0.14 -8.60 -14.43
CA ASP A 295 -1.56 -8.27 -14.34
C ASP A 295 -1.75 -7.24 -13.23
N LEU A 296 -2.69 -6.29 -13.43
CA LEU A 296 -3.26 -5.61 -12.28
C LEU A 296 -3.69 -6.73 -11.33
N GLY A 297 -3.29 -6.62 -10.07
CA GLY A 297 -3.66 -7.70 -9.15
C GLY A 297 -2.44 -8.44 -8.65
N THR A 298 -1.37 -8.41 -9.46
CA THR A 298 -0.05 -8.75 -8.98
C THR A 298 0.31 -7.78 -7.86
N PHE A 299 0.45 -8.30 -6.64
CA PHE A 299 0.91 -7.49 -5.52
C PHE A 299 2.02 -6.54 -5.97
N PHE A 300 1.93 -5.27 -5.57
CA PHE A 300 2.59 -4.16 -6.24
C PHE A 300 4.11 -4.19 -6.03
N LEU A 301 4.58 -4.79 -4.94
CA LEU A 301 6.00 -4.84 -4.67
C LEU A 301 6.73 -5.77 -5.65
N MET A 302 5.97 -6.61 -6.37
CA MET A 302 6.55 -7.48 -7.37
C MET A 302 6.42 -6.90 -8.78
N ASP A 303 6.09 -5.60 -8.88
CA ASP A 303 5.87 -5.03 -10.18
C ASP A 303 7.15 -5.10 -11.01
N THR A 304 8.26 -4.62 -10.45
CA THR A 304 9.46 -4.47 -11.27
C THR A 304 10.04 -5.84 -11.59
N THR A 305 10.11 -6.73 -10.59
CA THR A 305 10.64 -8.05 -10.81
C THR A 305 9.86 -8.74 -11.93
N SER A 306 8.52 -8.67 -11.88
CA SER A 306 7.68 -9.32 -12.87
C SER A 306 8.01 -8.84 -14.30
N ARG A 307 8.49 -7.61 -14.43
CA ARG A 307 8.76 -7.04 -15.75
C ARG A 307 10.12 -7.53 -16.23
N ILE A 308 11.08 -7.59 -15.30
CA ILE A 308 12.41 -8.10 -15.59
C ILE A 308 12.30 -9.53 -16.09
N ILE A 309 11.53 -10.35 -15.38
CA ILE A 309 11.35 -11.75 -15.74
C ILE A 309 10.66 -11.82 -17.09
N GLY A 310 9.57 -11.07 -17.24
CA GLY A 310 8.70 -11.23 -18.39
C GLY A 310 9.32 -10.72 -19.68
N HIS A 311 10.46 -10.01 -19.56
CA HIS A 311 11.15 -9.46 -20.71
C HIS A 311 12.41 -10.27 -21.00
N ASP A 312 12.42 -11.53 -20.55
CA ASP A 312 13.59 -12.41 -20.71
C ASP A 312 13.78 -12.72 -22.18
N ALA A 313 15.04 -12.86 -22.61
CA ALA A 313 15.31 -13.24 -23.99
C ALA A 313 14.72 -14.62 -24.30
N ARG A 314 15.09 -15.68 -23.56
CA ARG A 314 14.45 -16.99 -23.71
C ARG A 314 12.95 -16.85 -23.37
N GLU A 315 12.11 -17.26 -24.31
CA GLU A 315 10.69 -16.97 -24.30
C GLU A 315 9.95 -17.80 -23.27
N GLU A 316 10.46 -19.02 -23.03
CA GLU A 316 9.79 -19.98 -22.16
C GLU A 316 10.04 -19.60 -20.69
N TRP A 317 10.87 -18.57 -20.48
CA TRP A 317 11.23 -18.07 -19.15
C TRP A 317 10.43 -16.83 -18.75
N ARG A 318 9.28 -16.56 -19.38
CA ARG A 318 8.69 -15.24 -19.23
C ARG A 318 7.45 -15.23 -18.34
N LYS A 319 6.47 -16.10 -18.62
CA LYS A 319 5.31 -16.24 -17.75
C LYS A 319 5.78 -16.44 -16.30
N ASN A 320 5.24 -15.63 -15.39
CA ASN A 320 5.74 -15.50 -14.01
C ASN A 320 4.58 -15.20 -13.05
N ASP A 321 4.83 -15.34 -11.74
CA ASP A 321 3.85 -15.04 -10.71
C ASP A 321 4.19 -13.74 -9.99
N GLY A 322 5.13 -12.97 -10.57
CA GLY A 322 5.63 -11.74 -10.00
C GLY A 322 7.12 -11.80 -9.69
N VAL A 323 7.60 -12.96 -9.18
CA VAL A 323 9.03 -13.10 -8.93
C VAL A 323 9.54 -14.48 -9.31
N VAL A 324 8.65 -15.45 -9.53
CA VAL A 324 9.17 -16.71 -10.05
C VAL A 324 8.50 -17.11 -11.37
N PRO A 325 9.34 -17.37 -12.40
CA PRO A 325 8.85 -17.73 -13.72
C PRO A 325 8.34 -19.17 -13.64
N VAL A 326 7.44 -19.52 -14.56
CA VAL A 326 6.67 -20.76 -14.49
C VAL A 326 7.60 -21.98 -14.62
N ILE A 327 8.54 -22.00 -15.60
CA ILE A 327 9.54 -23.05 -15.76
C ILE A 327 10.16 -23.37 -14.41
N SER A 328 10.44 -22.32 -13.63
CA SER A 328 11.16 -22.50 -12.37
C SER A 328 10.27 -23.18 -11.33
N SER A 329 8.95 -22.94 -11.38
CA SER A 329 8.08 -23.40 -10.30
C SER A 329 7.57 -24.83 -10.50
N LEU A 330 7.42 -25.24 -11.75
CA LEU A 330 6.70 -26.46 -12.06
C LEU A 330 7.34 -27.65 -11.36
N HIS A 331 8.66 -27.83 -11.59
CA HIS A 331 9.48 -28.89 -11.01
C HIS A 331 10.95 -28.48 -11.17
N PRO A 332 11.89 -29.02 -10.36
CA PRO A 332 13.32 -28.83 -10.63
C PRO A 332 13.54 -29.46 -11.98
N SER A 333 14.30 -28.79 -12.86
CA SER A 333 14.19 -29.01 -14.31
C SER A 333 14.73 -30.38 -14.74
N ASN A 334 15.72 -30.90 -14.02
CA ASN A 334 16.16 -32.18 -14.55
C ASN A 334 15.88 -33.25 -13.52
N GLN A 335 14.65 -33.26 -13.01
CA GLN A 335 14.19 -34.34 -12.16
C GLN A 335 12.84 -34.83 -12.67
N PRO A 336 12.44 -36.09 -12.37
CA PRO A 336 11.22 -36.67 -12.92
C PRO A 336 9.94 -36.02 -12.40
N PHE A 337 9.01 -35.78 -13.32
CA PHE A 337 7.76 -35.15 -12.95
C PHE A 337 6.63 -35.71 -13.79
N VAL A 338 5.40 -35.51 -13.30
CA VAL A 338 4.21 -35.91 -14.03
C VAL A 338 3.13 -34.85 -13.83
N ASN A 339 2.54 -34.40 -14.95
CA ASN A 339 1.43 -33.47 -14.88
C ASN A 339 0.21 -34.15 -14.26
N VAL A 340 -0.49 -33.43 -13.40
CA VAL A 340 -1.54 -34.02 -12.61
C VAL A 340 -2.79 -33.16 -12.74
N THR A 341 -3.92 -33.77 -12.38
CA THR A 341 -5.25 -33.21 -12.40
C THR A 341 -5.62 -32.73 -11.00
N ASN A 342 -6.50 -31.73 -10.95
CA ASN A 342 -6.93 -31.21 -9.66
C ASN A 342 -7.79 -32.20 -8.89
N ASN A 343 -8.39 -33.19 -9.58
CA ASN A 343 -9.39 -34.05 -8.98
C ASN A 343 -8.75 -35.38 -8.63
N GLU A 344 -7.77 -35.81 -9.43
CA GLU A 344 -7.13 -37.09 -9.22
C GLU A 344 -6.27 -37.03 -7.95
N PRO A 345 -6.16 -38.13 -7.17
CA PRO A 345 -5.46 -38.10 -5.89
C PRO A 345 -3.96 -38.00 -6.19
N ALA A 346 -3.22 -37.21 -5.41
CA ALA A 346 -1.82 -36.96 -5.70
C ALA A 346 -0.93 -37.82 -4.81
N THR A 347 -0.75 -39.08 -5.22
CA THR A 347 -0.51 -40.14 -4.27
C THR A 347 0.75 -40.89 -4.72
N ARG A 348 1.24 -40.54 -5.91
CA ARG A 348 2.43 -41.14 -6.50
C ARG A 348 3.67 -40.76 -5.70
N ARG A 349 4.38 -41.78 -5.19
CA ARG A 349 5.69 -41.52 -4.58
C ARG A 349 6.79 -41.40 -5.65
N GLY A 350 7.85 -40.66 -5.35
CA GLY A 350 9.07 -40.71 -6.14
C GLY A 350 9.11 -39.70 -7.29
N ILE A 351 7.97 -39.09 -7.59
CA ILE A 351 7.96 -38.23 -8.76
C ILE A 351 7.21 -36.95 -8.45
N TRP A 352 7.69 -35.86 -9.07
CA TRP A 352 7.15 -34.53 -8.88
C TRP A 352 5.77 -34.44 -9.53
N GLN A 353 4.71 -34.52 -8.70
CA GLN A 353 3.34 -34.38 -9.20
C GLN A 353 3.00 -32.90 -9.40
N VAL A 354 3.05 -32.41 -10.65
CA VAL A 354 2.82 -30.98 -10.89
C VAL A 354 1.34 -30.68 -11.17
N LYS A 355 0.70 -30.08 -10.15
CA LYS A 355 -0.67 -29.61 -10.17
C LYS A 355 -0.87 -28.54 -11.25
N PRO A 356 -2.08 -28.35 -11.81
CA PRO A 356 -2.27 -27.41 -12.93
C PRO A 356 -2.05 -25.98 -12.48
N ILE A 357 -1.44 -25.15 -13.34
CA ILE A 357 -1.14 -23.76 -12.99
C ILE A 357 -2.40 -23.04 -12.52
N LEU A 358 -2.30 -22.31 -11.39
CA LEU A 358 -3.36 -21.49 -10.82
C LEU A 358 -3.35 -20.11 -11.50
N GLN A 359 -4.39 -19.89 -12.32
CA GLN A 359 -4.50 -18.72 -13.18
C GLN A 359 -4.77 -17.50 -12.30
N GLY A 360 -3.91 -16.48 -12.39
CA GLY A 360 -4.13 -15.22 -11.69
C GLY A 360 -3.77 -15.24 -10.21
N TRP A 361 -3.06 -16.28 -9.76
CA TRP A 361 -2.43 -16.26 -8.44
C TRP A 361 -1.00 -15.73 -8.59
N ASP A 362 -0.64 -14.75 -7.76
CA ASP A 362 0.72 -14.25 -7.76
C ASP A 362 1.50 -14.90 -6.63
N HIS A 363 2.80 -14.58 -6.56
CA HIS A 363 3.69 -15.21 -5.61
C HIS A 363 3.04 -15.23 -4.23
N VAL A 364 2.48 -14.08 -3.83
CA VAL A 364 2.05 -13.91 -2.44
C VAL A 364 0.59 -14.31 -2.27
N ASP A 365 -0.15 -14.46 -3.39
CA ASP A 365 -1.53 -14.91 -3.27
C ASP A 365 -1.59 -16.26 -2.54
N PHE A 366 -0.55 -17.06 -2.68
CA PHE A 366 -0.53 -18.40 -2.09
C PHE A 366 -0.56 -18.34 -0.56
N ILE A 367 -0.20 -17.18 0.00
CA ILE A 367 -0.11 -17.07 1.44
C ILE A 367 -1.06 -15.99 1.96
N GLY A 368 -1.82 -15.41 1.02
CA GLY A 368 -3.01 -14.62 1.32
C GLY A 368 -2.70 -13.23 1.89
N VAL A 369 -1.56 -12.65 1.50
CA VAL A 369 -1.14 -11.40 2.10
C VAL A 369 -1.33 -10.25 1.12
N ASP A 370 -1.87 -10.52 -0.07
CA ASP A 370 -2.17 -9.45 -1.02
C ASP A 370 -3.56 -8.89 -0.68
N PHE A 371 -3.63 -8.04 0.35
CA PHE A 371 -4.91 -7.49 0.78
C PHE A 371 -5.48 -6.54 -0.28
N LEU A 372 -4.66 -6.09 -1.23
CA LEU A 372 -5.14 -5.28 -2.34
C LEU A 372 -5.97 -6.09 -3.35
N ASP A 373 -5.96 -7.44 -3.32
CA ASP A 373 -6.54 -8.24 -4.40
C ASP A 373 -7.84 -8.90 -3.96
N PHE A 374 -8.98 -8.25 -4.26
CA PHE A 374 -10.32 -8.69 -3.88
C PHE A 374 -10.66 -9.98 -4.63
N LYS A 375 -10.06 -10.17 -5.81
CA LYS A 375 -10.34 -11.33 -6.65
C LYS A 375 -9.89 -12.62 -5.97
N ARG A 376 -8.99 -12.51 -4.98
CA ARG A 376 -8.47 -13.69 -4.31
C ARG A 376 -9.11 -13.83 -2.93
N LYS A 377 -10.24 -14.52 -2.85
CA LYS A 377 -11.05 -14.43 -1.64
C LYS A 377 -10.57 -15.45 -0.61
N GLY A 378 -10.94 -15.22 0.64
CA GLY A 378 -10.47 -16.05 1.74
C GLY A 378 -11.03 -17.47 1.65
N SER A 379 -12.29 -17.59 1.25
CA SER A 379 -12.89 -18.91 1.12
C SER A 379 -12.12 -19.73 0.08
N GLU A 380 -11.63 -19.04 -0.97
CA GLU A 380 -10.82 -19.69 -2.00
C GLU A 380 -9.54 -20.21 -1.36
N LEU A 381 -8.87 -19.35 -0.59
CA LEU A 381 -7.61 -19.73 0.02
C LEU A 381 -7.82 -20.88 1.02
N ALA A 382 -8.93 -20.84 1.76
CA ALA A 382 -9.20 -21.90 2.72
C ALA A 382 -9.40 -23.26 2.02
N ASN A 383 -9.97 -23.24 0.80
CA ASN A 383 -10.13 -24.46 0.03
C ASN A 383 -8.77 -25.00 -0.35
N PHE A 384 -7.93 -24.11 -0.85
CA PHE A 384 -6.59 -24.47 -1.29
C PHE A 384 -5.84 -25.22 -0.19
N TYR A 385 -5.77 -24.65 1.02
CA TYR A 385 -5.05 -25.25 2.13
C TYR A 385 -5.73 -26.55 2.57
N ILE A 386 -7.07 -26.56 2.67
CA ILE A 386 -7.75 -27.79 3.03
C ILE A 386 -7.47 -28.84 1.96
N GLY A 387 -7.47 -28.40 0.69
CA GLY A 387 -7.03 -29.21 -0.43
C GLY A 387 -5.75 -29.96 -0.09
N ILE A 388 -4.71 -29.22 0.29
CA ILE A 388 -3.39 -29.73 0.58
C ILE A 388 -3.46 -30.74 1.73
N ILE A 389 -4.15 -30.39 2.82
CA ILE A 389 -4.30 -31.30 3.96
C ILE A 389 -4.94 -32.61 3.51
N ASN A 390 -5.90 -32.53 2.57
CA ASN A 390 -6.58 -33.72 2.09
C ASN A 390 -5.59 -34.65 1.40
N ASP A 391 -4.92 -34.13 0.37
CA ASP A 391 -3.83 -34.82 -0.28
C ASP A 391 -2.91 -35.49 0.76
N LEU A 392 -2.62 -34.77 1.86
CA LEU A 392 -1.69 -35.28 2.85
C LEU A 392 -2.30 -36.47 3.57
N LEU A 393 -3.56 -36.30 4.00
CA LEU A 393 -4.34 -37.39 4.55
C LEU A 393 -4.31 -38.61 3.62
N SER A 394 -4.41 -38.37 2.30
CA SER A 394 -4.38 -39.47 1.33
C SER A 394 -3.04 -40.19 1.38
N VAL A 395 -1.95 -39.42 1.40
CA VAL A 395 -0.62 -39.99 1.48
C VAL A 395 -0.54 -40.88 2.72
N GLU A 396 -1.11 -40.40 3.84
CA GLU A 396 -1.13 -41.16 5.07
C GLU A 396 -1.88 -42.47 4.85
N ALA A 397 -3.03 -42.40 4.18
CA ALA A 397 -3.93 -43.53 4.05
C ALA A 397 -3.45 -44.51 2.99
N THR A 398 -2.48 -44.12 2.16
CA THR A 398 -2.00 -45.04 1.14
C THR A 398 -0.60 -45.54 1.44
N GLU A 399 -0.31 -45.79 2.72
CA GLU A 399 0.98 -46.38 3.07
C GLU A 399 0.77 -47.87 3.34
N GLN B 18 3.00 37.91 -21.62
CA GLN B 18 3.86 36.72 -21.30
C GLN B 18 3.01 35.45 -21.30
N PRO B 19 2.09 35.21 -20.33
CA PRO B 19 1.41 33.93 -20.19
C PRO B 19 0.26 33.73 -21.18
N LEU B 20 0.15 32.49 -21.70
CA LEU B 20 -0.84 32.11 -22.70
C LEU B 20 -2.26 32.29 -22.17
N ASN B 21 -2.42 32.35 -20.84
CA ASN B 21 -3.71 32.54 -20.20
C ASN B 21 -3.72 33.90 -19.49
N LYS B 22 -4.70 34.73 -19.84
CA LYS B 22 -4.76 36.10 -19.37
C LYS B 22 -5.13 36.13 -17.88
N TYR B 23 -5.94 35.17 -17.45
CA TYR B 23 -6.34 35.06 -16.07
C TYR B 23 -5.65 33.85 -15.44
N PRO B 24 -5.03 34.01 -14.26
CA PRO B 24 -4.29 32.93 -13.61
C PRO B 24 -5.22 31.80 -13.20
N VAL B 25 -4.66 30.59 -13.16
CA VAL B 25 -5.44 29.44 -12.76
C VAL B 25 -4.99 29.01 -11.38
N VAL B 26 -5.94 28.94 -10.44
CA VAL B 26 -5.68 28.52 -9.08
C VAL B 26 -6.32 27.16 -8.83
N PHE B 27 -5.50 26.19 -8.41
CA PHE B 27 -5.95 24.85 -8.12
C PHE B 27 -6.12 24.69 -6.60
N VAL B 28 -7.33 24.30 -6.19
CA VAL B 28 -7.64 24.24 -4.77
C VAL B 28 -7.84 22.79 -4.34
N HIS B 29 -6.93 22.32 -3.48
CA HIS B 29 -6.98 20.93 -3.01
C HIS B 29 -8.17 20.71 -2.09
N GLY B 30 -8.46 19.44 -1.80
CA GLY B 30 -9.62 19.08 -1.00
C GLY B 30 -9.29 18.83 0.47
N PHE B 31 -10.00 17.88 1.07
CA PHE B 31 -9.88 17.49 2.46
C PHE B 31 -8.61 16.63 2.64
N LEU B 32 -7.85 16.88 3.71
CA LEU B 32 -6.58 16.24 3.99
C LEU B 32 -5.47 16.71 3.04
N GLY B 33 -5.80 17.65 2.15
CA GLY B 33 -4.84 18.15 1.19
C GLY B 33 -3.68 18.89 1.84
N LEU B 34 -2.46 18.37 1.64
CA LEU B 34 -1.26 19.12 2.00
C LEU B 34 -0.43 19.34 0.74
N VAL B 35 -0.02 20.59 0.51
CA VAL B 35 0.71 20.91 -0.72
C VAL B 35 1.93 21.75 -0.39
N GLY B 36 2.86 21.80 -1.33
CA GLY B 36 3.97 22.74 -1.24
C GLY B 36 4.86 22.48 -0.02
N ASP B 37 5.16 23.56 0.70
CA ASP B 37 6.14 23.55 1.78
C ASP B 37 5.54 22.98 3.06
N ASN B 38 4.27 22.59 2.99
CA ASN B 38 3.50 22.16 4.14
C ASN B 38 3.27 20.66 4.12
N ALA B 39 4.05 19.90 3.33
CA ALA B 39 3.84 18.46 3.31
C ALA B 39 4.93 17.80 4.13
N PRO B 40 4.72 16.59 4.65
CA PRO B 40 5.79 15.81 5.28
C PRO B 40 7.00 15.55 4.38
N ALA B 41 8.03 14.92 4.98
CA ALA B 41 9.31 14.66 4.34
C ALA B 41 9.12 13.76 3.11
N LEU B 42 8.45 12.61 3.32
CA LEU B 42 7.98 11.74 2.25
C LEU B 42 6.47 11.89 2.17
N TYR B 43 5.97 12.26 1.00
CA TYR B 43 4.55 12.49 0.86
C TYR B 43 4.26 12.68 -0.62
N PRO B 44 3.14 12.14 -1.12
CA PRO B 44 2.81 12.29 -2.54
C PRO B 44 2.59 13.76 -2.86
N ASN B 45 2.81 14.11 -4.13
CA ASN B 45 2.60 15.46 -4.61
C ASN B 45 1.15 15.61 -5.10
N TYR B 46 0.38 16.50 -4.48
CA TYR B 46 -1.08 16.49 -4.58
C TYR B 46 -1.53 16.63 -6.03
N TRP B 47 -1.03 17.67 -6.70
CA TRP B 47 -1.47 17.97 -8.05
C TRP B 47 -0.63 17.23 -9.09
N GLY B 48 -0.98 15.96 -9.30
CA GLY B 48 -0.46 15.23 -10.43
C GLY B 48 0.36 14.00 -10.05
N GLY B 49 0.69 13.89 -8.75
CA GLY B 49 1.44 12.76 -8.24
C GLY B 49 2.81 12.66 -8.93
N ASN B 50 3.17 11.45 -9.37
CA ASN B 50 4.37 11.27 -10.17
C ASN B 50 3.97 11.07 -11.62
N LYS B 51 2.67 11.14 -11.89
CA LYS B 51 2.15 10.87 -13.22
C LYS B 51 2.25 12.11 -14.10
N PHE B 52 1.93 13.28 -13.55
CA PHE B 52 1.94 14.50 -14.35
C PHE B 52 2.04 15.70 -13.43
N LYS B 53 3.21 16.35 -13.43
CA LYS B 53 3.41 17.39 -12.44
C LYS B 53 2.61 18.63 -12.86
N VAL B 54 1.33 18.71 -12.45
CA VAL B 54 0.40 19.70 -12.99
C VAL B 54 1.01 21.11 -12.98
N ILE B 55 1.46 21.58 -11.81
CA ILE B 55 1.89 22.96 -11.69
C ILE B 55 3.16 23.20 -12.50
N GLU B 56 4.13 22.29 -12.37
CA GLU B 56 5.43 22.46 -12.99
C GLU B 56 5.34 22.39 -14.52
N GLU B 57 4.58 21.43 -15.06
CA GLU B 57 4.49 21.14 -16.49
C GLU B 57 3.69 22.22 -17.21
N LEU B 58 2.51 22.56 -16.68
CA LEU B 58 1.70 23.60 -17.28
C LEU B 58 2.49 24.91 -17.37
N ARG B 59 3.40 25.11 -16.41
CA ARG B 59 4.24 26.28 -16.35
C ARG B 59 5.28 26.21 -17.46
N LYS B 60 5.88 25.02 -17.64
CA LYS B 60 6.89 24.82 -18.67
C LYS B 60 6.31 25.19 -20.03
N GLN B 61 5.01 24.90 -20.22
CA GLN B 61 4.32 25.24 -21.44
C GLN B 61 3.76 26.67 -21.41
N GLY B 62 4.20 27.48 -20.44
CA GLY B 62 3.90 28.91 -20.40
C GLY B 62 2.47 29.26 -20.02
N TYR B 63 1.90 28.52 -19.06
CA TYR B 63 0.63 28.88 -18.44
C TYR B 63 0.89 29.34 -17.01
N ASN B 64 0.19 30.40 -16.59
CA ASN B 64 0.29 30.90 -15.23
C ASN B 64 -0.69 30.14 -14.33
N VAL B 65 -0.13 29.31 -13.45
CA VAL B 65 -0.91 28.39 -12.63
C VAL B 65 -0.29 28.36 -11.23
N HIS B 66 -1.13 28.18 -10.21
CA HIS B 66 -0.70 28.24 -8.81
C HIS B 66 -1.49 27.20 -8.02
N GLN B 67 -0.93 26.75 -6.89
CA GLN B 67 -1.67 25.82 -6.04
C GLN B 67 -1.94 26.42 -4.67
N ALA B 68 -3.21 26.63 -4.33
CA ALA B 68 -3.55 27.21 -3.05
C ALA B 68 -3.25 26.19 -1.95
N SER B 69 -2.96 26.75 -0.77
CA SER B 69 -2.77 26.00 0.46
C SER B 69 -3.78 26.48 1.48
N VAL B 70 -4.76 25.63 1.80
CA VAL B 70 -5.75 26.01 2.78
C VAL B 70 -5.99 24.83 3.70
N SER B 71 -6.85 25.05 4.72
CA SER B 71 -7.01 24.17 5.86
C SER B 71 -7.36 22.76 5.38
N ALA B 72 -6.60 21.77 5.86
CA ALA B 72 -6.87 20.41 5.42
C ALA B 72 -8.08 19.85 6.17
N PHE B 73 -8.35 20.33 7.39
CA PHE B 73 -9.42 19.76 8.18
C PHE B 73 -10.53 20.78 8.45
N GLY B 74 -10.27 22.03 8.03
CA GLY B 74 -11.19 23.12 8.31
C GLY B 74 -12.54 22.95 7.62
N SER B 75 -13.55 23.66 8.11
CA SER B 75 -14.82 23.81 7.43
C SER B 75 -14.60 24.49 6.08
N ASN B 76 -15.62 24.42 5.21
CA ASN B 76 -15.62 25.13 3.94
C ASN B 76 -15.56 26.63 4.21
N TYR B 77 -16.28 27.08 5.26
CA TYR B 77 -16.22 28.48 5.62
C TYR B 77 -14.76 28.89 5.81
N ASP B 78 -14.07 28.18 6.71
CA ASP B 78 -12.73 28.58 7.10
C ASP B 78 -11.83 28.56 5.86
N ARG B 79 -11.97 27.52 5.03
CA ARG B 79 -11.13 27.32 3.86
C ARG B 79 -11.40 28.39 2.81
N ALA B 80 -12.68 28.76 2.70
CA ALA B 80 -13.10 29.78 1.75
C ALA B 80 -12.46 31.11 2.15
N VAL B 81 -12.42 31.38 3.46
CA VAL B 81 -11.83 32.62 3.90
C VAL B 81 -10.34 32.57 3.60
N GLN B 82 -9.69 31.45 3.96
CA GLN B 82 -8.27 31.22 3.73
C GLN B 82 -7.95 31.38 2.24
N LEU B 83 -8.79 30.80 1.37
CA LEU B 83 -8.58 30.87 -0.08
C LEU B 83 -8.49 32.32 -0.52
N TYR B 84 -9.44 33.14 -0.04
CA TYR B 84 -9.48 34.54 -0.41
C TYR B 84 -8.11 35.18 -0.07
N TYR B 85 -7.61 34.89 1.14
CA TYR B 85 -6.39 35.50 1.60
C TYR B 85 -5.18 34.92 0.89
N TYR B 86 -5.30 33.65 0.44
CA TYR B 86 -4.22 33.04 -0.31
C TYR B 86 -4.00 33.85 -1.58
N ILE B 87 -5.11 34.26 -2.22
CA ILE B 87 -5.01 34.92 -3.51
C ILE B 87 -4.58 36.37 -3.28
N LYS B 88 -5.31 37.04 -2.37
CA LYS B 88 -5.27 38.48 -2.22
C LYS B 88 -4.05 38.93 -1.39
N GLY B 89 -3.62 38.08 -0.44
CA GLY B 89 -2.64 38.46 0.57
C GLY B 89 -3.32 39.11 1.77
N GLY B 90 -2.74 38.94 2.96
CA GLY B 90 -3.28 39.54 4.17
C GLY B 90 -3.40 38.55 5.32
N ARG B 91 -3.94 39.01 6.44
CA ARG B 91 -4.11 38.18 7.64
C ARG B 91 -5.51 37.60 7.61
N VAL B 92 -5.59 36.26 7.57
CA VAL B 92 -6.90 35.61 7.55
C VAL B 92 -7.78 36.23 8.63
N ASP B 93 -8.98 36.66 8.23
CA ASP B 93 -9.99 37.16 9.12
C ASP B 93 -11.27 36.36 8.91
N TYR B 94 -11.55 35.42 9.83
CA TYR B 94 -12.74 34.59 9.74
C TYR B 94 -14.02 35.41 10.00
N GLY B 95 -13.84 36.67 10.42
CA GLY B 95 -14.97 37.52 10.75
C GLY B 95 -15.43 37.34 12.20
N ALA B 96 -15.72 38.47 12.86
CA ALA B 96 -15.93 38.53 14.30
C ALA B 96 -17.14 37.71 14.76
N ALA B 97 -18.24 37.79 13.99
CA ALA B 97 -19.47 37.10 14.37
C ALA B 97 -19.29 35.59 14.27
N HIS B 98 -18.62 35.16 13.19
CA HIS B 98 -18.36 33.76 12.93
C HIS B 98 -17.56 33.19 14.10
N ALA B 99 -16.45 33.89 14.37
CA ALA B 99 -15.48 33.49 15.37
C ALA B 99 -16.21 33.30 16.70
N ALA B 100 -17.01 34.31 17.05
CA ALA B 100 -17.79 34.34 18.28
C ALA B 100 -18.80 33.19 18.29
N LYS B 101 -19.50 32.96 17.17
CA LYS B 101 -20.52 31.93 17.12
C LYS B 101 -19.92 30.55 17.36
N TYR B 102 -18.78 30.22 16.73
CA TYR B 102 -18.30 28.84 16.73
C TYR B 102 -17.25 28.62 17.80
N GLY B 103 -16.57 29.70 18.16
CA GLY B 103 -15.73 29.74 19.35
C GLY B 103 -14.28 29.41 19.05
N HIS B 104 -13.71 30.11 18.07
CA HIS B 104 -12.35 29.91 17.59
C HIS B 104 -11.78 31.29 17.25
N GLU B 105 -10.45 31.39 17.17
CA GLU B 105 -9.76 32.65 16.94
C GLU B 105 -10.40 33.39 15.77
N ARG B 106 -10.49 34.71 15.87
CA ARG B 106 -10.97 35.46 14.73
C ARG B 106 -9.89 35.55 13.65
N TYR B 107 -8.63 35.69 14.05
CA TYR B 107 -7.55 35.87 13.09
C TYR B 107 -6.72 34.60 12.95
N GLY B 108 -6.05 34.48 11.79
CA GLY B 108 -5.34 33.26 11.42
C GLY B 108 -4.01 33.58 10.75
N LYS B 109 -3.54 32.67 9.89
CA LYS B 109 -2.24 32.85 9.26
C LYS B 109 -2.26 34.09 8.36
N THR B 110 -1.07 34.59 8.03
CA THR B 110 -1.11 35.72 7.11
C THR B 110 -0.39 35.32 5.83
N TYR B 111 -0.97 35.62 4.65
CA TYR B 111 -0.48 35.10 3.39
C TYR B 111 0.17 36.21 2.58
N LYS B 112 1.28 35.89 1.91
CA LYS B 112 1.99 36.80 1.03
C LYS B 112 1.04 37.40 -0.03
N GLY B 113 0.25 36.55 -0.70
CA GLY B 113 -0.62 36.96 -1.79
C GLY B 113 -0.05 36.57 -3.15
N ILE B 114 -0.80 35.76 -3.92
CA ILE B 114 -0.35 35.30 -5.21
C ILE B 114 -0.67 36.37 -6.25
N MET B 115 -1.61 37.27 -5.91
CA MET B 115 -2.21 38.17 -6.87
C MET B 115 -2.67 39.42 -6.12
N PRO B 116 -1.74 40.30 -5.67
CA PRO B 116 -2.06 41.32 -4.68
C PRO B 116 -3.10 42.34 -5.15
N ASN B 117 -3.24 42.45 -6.48
CA ASN B 117 -4.03 43.47 -7.14
C ASN B 117 -5.45 43.02 -7.42
N TRP B 118 -5.76 41.76 -7.04
CA TRP B 118 -7.03 41.14 -7.30
C TRP B 118 -8.19 42.05 -6.89
N GLU B 119 -9.08 42.34 -7.85
CA GLU B 119 -10.21 43.24 -7.69
C GLU B 119 -11.12 43.05 -8.90
N PRO B 120 -12.38 43.53 -8.89
CA PRO B 120 -13.23 43.42 -10.08
C PRO B 120 -12.44 43.87 -11.30
N GLY B 121 -12.44 43.06 -12.36
CA GLY B 121 -11.71 43.40 -13.56
C GLY B 121 -10.48 42.52 -13.77
N LYS B 122 -9.69 42.29 -12.71
CA LYS B 122 -8.66 41.26 -12.77
C LYS B 122 -9.30 39.94 -12.33
N LYS B 123 -9.24 38.92 -13.19
CA LYS B 123 -10.01 37.73 -12.89
C LYS B 123 -9.09 36.52 -12.66
N VAL B 124 -9.70 35.48 -12.11
CA VAL B 124 -8.94 34.27 -11.79
C VAL B 124 -9.81 33.07 -12.19
N HIS B 125 -9.15 32.01 -12.68
CA HIS B 125 -9.81 30.73 -12.94
C HIS B 125 -9.61 29.82 -11.75
N LEU B 126 -10.70 29.20 -11.27
CA LEU B 126 -10.65 28.35 -10.09
C LEU B 126 -11.00 26.92 -10.47
N VAL B 127 -10.08 26.00 -10.14
CA VAL B 127 -10.34 24.58 -10.30
C VAL B 127 -10.06 23.84 -9.00
N GLY B 128 -11.04 23.04 -8.58
CA GLY B 128 -11.02 22.47 -7.25
C GLY B 128 -11.21 20.97 -7.31
N HIS B 129 -10.35 20.24 -6.57
CA HIS B 129 -10.51 18.80 -6.50
C HIS B 129 -11.32 18.51 -5.24
N SER B 130 -12.29 17.61 -5.38
CA SER B 130 -13.09 17.17 -4.25
C SER B 130 -13.61 18.40 -3.50
N MET B 131 -13.35 18.45 -2.18
CA MET B 131 -13.92 19.49 -1.34
C MET B 131 -13.45 20.87 -1.81
N GLY B 132 -12.33 20.89 -2.54
CA GLY B 132 -11.85 22.14 -3.13
C GLY B 132 -12.95 22.79 -3.96
N GLY B 133 -13.76 21.94 -4.60
CA GLY B 133 -14.92 22.40 -5.36
C GLY B 133 -15.87 23.24 -4.51
N GLN B 134 -16.25 22.71 -3.35
CA GLN B 134 -17.16 23.42 -2.45
C GLN B 134 -16.52 24.73 -2.00
N THR B 135 -15.26 24.67 -1.59
CA THR B 135 -14.57 25.84 -1.06
C THR B 135 -14.64 27.00 -2.07
N ILE B 136 -14.38 26.70 -3.35
CA ILE B 136 -14.38 27.70 -4.39
C ILE B 136 -15.77 28.34 -4.50
N ARG B 137 -16.81 27.51 -4.48
CA ARG B 137 -18.17 27.99 -4.55
C ARG B 137 -18.46 29.02 -3.45
N LEU B 138 -18.13 28.67 -2.20
CA LEU B 138 -18.45 29.51 -1.06
C LEU B 138 -17.68 30.83 -1.14
N MET B 139 -16.44 30.79 -1.63
CA MET B 139 -15.67 32.03 -1.65
C MET B 139 -16.32 33.02 -2.61
N GLU B 140 -16.73 32.53 -3.78
CA GLU B 140 -17.36 33.39 -4.77
C GLU B 140 -18.65 34.00 -4.21
N GLU B 141 -19.42 33.20 -3.45
CA GLU B 141 -20.63 33.67 -2.81
C GLU B 141 -20.36 34.90 -1.95
N PHE B 142 -19.36 34.80 -1.07
CA PHE B 142 -18.95 35.90 -0.23
C PHE B 142 -18.57 37.10 -1.06
N LEU B 143 -17.82 36.88 -2.14
CA LEU B 143 -17.36 38.00 -2.94
C LEU B 143 -18.56 38.79 -3.49
N ARG B 144 -19.58 38.07 -3.96
CA ARG B 144 -20.70 38.65 -4.68
C ARG B 144 -21.74 39.21 -3.73
N ASN B 145 -22.07 38.46 -2.67
CA ASN B 145 -23.22 38.72 -1.82
C ASN B 145 -22.86 38.82 -0.34
N GLY B 146 -21.56 38.98 -0.04
CA GLY B 146 -21.08 39.21 1.32
C GLY B 146 -21.54 38.16 2.35
N ASN B 147 -21.27 38.45 3.62
CA ASN B 147 -21.70 37.60 4.72
C ASN B 147 -22.66 38.40 5.60
N LYS B 148 -23.92 37.98 5.70
CA LYS B 148 -24.95 38.76 6.37
C LYS B 148 -24.62 38.98 7.86
N GLU B 149 -24.25 37.88 8.55
CA GLU B 149 -23.87 37.86 9.96
C GLU B 149 -22.79 38.88 10.27
N GLU B 150 -21.82 39.04 9.35
CA GLU B 150 -20.68 39.90 9.63
C GLU B 150 -21.07 41.34 9.34
N ILE B 151 -21.85 41.54 8.28
CA ILE B 151 -22.40 42.85 7.96
C ILE B 151 -23.18 43.36 9.17
N ALA B 152 -24.11 42.51 9.66
CA ALA B 152 -24.97 42.77 10.82
C ALA B 152 -24.16 43.10 12.08
N TYR B 153 -23.09 42.34 12.34
CA TYR B 153 -22.34 42.50 13.57
C TYR B 153 -21.48 43.77 13.50
N HIS B 154 -20.83 44.02 12.38
CA HIS B 154 -20.10 45.28 12.21
C HIS B 154 -21.06 46.47 12.20
N GLN B 155 -22.34 46.24 11.86
CA GLN B 155 -23.37 47.25 12.08
C GLN B 155 -23.47 47.57 13.57
N ALA B 156 -23.96 46.61 14.37
CA ALA B 156 -24.16 46.77 15.81
C ALA B 156 -22.90 47.23 16.56
N HIS B 157 -21.72 46.67 16.25
CA HIS B 157 -20.60 46.81 17.15
C HIS B 157 -19.41 47.54 16.51
N GLY B 158 -19.56 48.12 15.31
CA GLY B 158 -18.50 48.89 14.68
C GLY B 158 -17.26 48.05 14.37
N GLY B 159 -16.10 48.71 14.22
CA GLY B 159 -14.85 48.02 13.92
C GLY B 159 -14.56 47.97 12.42
N GLU B 160 -13.57 47.17 12.03
CA GLU B 160 -13.27 46.92 10.62
C GLU B 160 -13.92 45.61 10.19
N ILE B 161 -14.25 45.52 8.88
CA ILE B 161 -14.80 44.30 8.31
C ILE B 161 -13.95 43.86 7.13
N SER B 162 -13.75 42.55 7.00
CA SER B 162 -13.03 42.01 5.86
C SER B 162 -13.79 42.35 4.58
N PRO B 163 -13.10 42.77 3.49
CA PRO B 163 -13.75 42.99 2.19
C PRO B 163 -14.50 41.76 1.67
N LEU B 164 -14.03 40.58 2.07
CA LEU B 164 -14.63 39.33 1.61
C LEU B 164 -16.10 39.30 2.00
N PHE B 165 -16.43 39.91 3.13
CA PHE B 165 -17.77 39.75 3.70
C PHE B 165 -18.72 40.89 3.30
N THR B 166 -18.19 41.91 2.62
CA THR B 166 -18.89 43.13 2.24
C THR B 166 -20.03 42.85 1.26
N GLY B 167 -19.72 42.17 0.15
CA GLY B 167 -20.63 41.98 -0.96
C GLY B 167 -20.34 43.01 -2.05
N GLY B 168 -20.84 42.72 -3.26
CA GLY B 168 -20.75 43.63 -4.40
C GLY B 168 -19.44 43.51 -5.17
N HIS B 169 -18.52 42.63 -4.72
CA HIS B 169 -17.30 42.40 -5.46
C HIS B 169 -17.61 41.37 -6.54
N ASN B 170 -17.77 41.85 -7.78
CA ASN B 170 -18.23 41.02 -8.90
C ASN B 170 -17.14 40.99 -9.96
N ASN B 171 -17.27 40.06 -10.93
CA ASN B 171 -16.38 40.10 -12.08
C ASN B 171 -14.94 39.87 -11.61
N MET B 172 -14.74 38.82 -10.79
CA MET B 172 -13.43 38.53 -10.22
C MET B 172 -13.04 37.07 -10.45
N VAL B 173 -14.04 36.24 -10.73
CA VAL B 173 -13.77 34.85 -11.04
C VAL B 173 -14.46 34.48 -12.36
N ALA B 174 -13.63 34.04 -13.33
CA ALA B 174 -14.04 33.71 -14.69
C ALA B 174 -14.74 32.34 -14.77
N SER B 175 -14.18 31.37 -14.05
CA SER B 175 -14.62 29.98 -14.19
C SER B 175 -14.57 29.28 -12.85
N ILE B 176 -15.52 28.37 -12.64
CA ILE B 176 -15.47 27.42 -11.54
C ILE B 176 -15.56 26.02 -12.14
N THR B 177 -14.56 25.19 -11.84
CA THR B 177 -14.45 23.88 -12.46
C THR B 177 -14.07 22.85 -11.39
N THR B 178 -14.88 21.79 -11.27
CA THR B 178 -14.73 20.87 -10.16
C THR B 178 -14.40 19.45 -10.64
N LEU B 179 -13.40 18.83 -10.01
CA LEU B 179 -13.02 17.43 -10.24
C LEU B 179 -13.44 16.58 -9.03
N ALA B 180 -14.42 15.70 -9.25
CA ALA B 180 -14.92 14.77 -8.25
C ALA B 180 -15.27 15.47 -6.95
N THR B 181 -16.00 16.59 -7.04
CA THR B 181 -16.43 17.31 -5.84
C THR B 181 -17.74 16.76 -5.30
N PRO B 182 -17.87 16.51 -3.99
CA PRO B 182 -19.11 15.94 -3.44
C PRO B 182 -20.13 17.05 -3.23
N HIS B 183 -20.61 17.67 -4.32
CA HIS B 183 -21.54 18.80 -4.28
C HIS B 183 -22.71 18.53 -3.33
N ASN B 184 -23.20 17.28 -3.35
CA ASN B 184 -24.36 16.87 -2.57
C ASN B 184 -23.95 15.99 -1.38
N GLY B 185 -22.64 16.02 -1.05
CA GLY B 185 -22.09 15.36 0.12
C GLY B 185 -21.82 13.88 -0.14
N SER B 186 -21.53 13.11 0.91
CA SER B 186 -21.19 11.71 0.75
C SER B 186 -21.53 10.92 2.00
N GLN B 187 -22.11 9.73 1.79
CA GLN B 187 -22.43 8.81 2.86
C GLN B 187 -21.16 8.44 3.63
N ALA B 188 -20.01 8.47 2.94
CA ALA B 188 -18.73 8.18 3.56
C ALA B 188 -18.52 9.12 4.74
N ALA B 189 -18.89 10.40 4.54
CA ALA B 189 -18.86 11.37 5.63
C ALA B 189 -19.93 11.03 6.67
N ASP B 190 -21.17 10.81 6.23
CA ASP B 190 -22.30 10.54 7.12
C ASP B 190 -21.99 9.37 8.03
N LYS B 191 -21.45 8.28 7.49
CA LYS B 191 -21.44 7.05 8.26
C LYS B 191 -20.04 6.70 8.76
N PHE B 192 -19.04 7.54 8.44
CA PHE B 192 -17.67 7.24 8.84
C PHE B 192 -16.91 8.50 9.27
N GLY B 193 -16.55 9.34 8.29
CA GLY B 193 -15.80 10.56 8.51
C GLY B 193 -16.36 11.45 9.61
N ASN B 194 -17.69 11.54 9.70
CA ASN B 194 -18.23 12.57 10.57
C ASN B 194 -18.74 11.99 11.88
N THR B 195 -18.48 10.70 12.11
CA THR B 195 -18.87 10.05 13.36
C THR B 195 -18.07 10.61 14.53
N GLU B 196 -18.51 10.29 15.75
CA GLU B 196 -17.91 10.77 16.98
C GLU B 196 -16.49 10.25 17.09
N ALA B 197 -16.37 8.92 17.01
CA ALA B 197 -15.09 8.26 17.21
C ALA B 197 -14.04 8.83 16.26
N VAL B 198 -14.39 8.98 14.97
CA VAL B 198 -13.31 9.32 14.05
C VAL B 198 -13.05 10.81 14.04
N ARG B 199 -14.05 11.62 14.40
CA ARG B 199 -13.72 13.02 14.58
C ARG B 199 -12.66 13.17 15.68
N LYS B 200 -12.76 12.34 16.73
CA LYS B 200 -11.85 12.47 17.85
C LYS B 200 -10.42 12.13 17.41
N ILE B 201 -10.29 11.08 16.60
CA ILE B 201 -9.02 10.74 16.00
C ILE B 201 -8.46 11.91 15.17
N MET B 202 -9.22 12.39 14.18
CA MET B 202 -8.82 13.56 13.41
C MET B 202 -8.34 14.69 14.32
N PHE B 203 -9.08 14.94 15.41
CA PHE B 203 -8.71 16.08 16.25
C PHE B 203 -7.43 15.79 17.01
N ALA B 204 -7.26 14.54 17.45
CA ALA B 204 -6.03 14.17 18.12
C ALA B 204 -4.83 14.39 17.20
N LEU B 205 -4.91 13.87 15.96
CA LEU B 205 -3.89 14.11 14.97
C LEU B 205 -3.59 15.61 14.89
N ASN B 206 -4.64 16.44 14.81
CA ASN B 206 -4.43 17.87 14.77
C ASN B 206 -3.74 18.39 16.04
N ARG B 207 -4.14 17.83 17.18
CA ARG B 207 -3.58 18.27 18.45
C ARG B 207 -2.08 17.97 18.43
N PHE B 208 -1.73 16.75 18.03
CA PHE B 208 -0.37 16.25 18.04
C PHE B 208 0.48 17.08 17.10
N MET B 209 0.00 17.28 15.87
CA MET B 209 0.78 18.00 14.89
C MET B 209 0.81 19.49 15.24
N GLY B 210 0.24 19.83 16.41
CA GLY B 210 0.34 21.18 16.92
C GLY B 210 1.53 21.34 17.87
N ASN B 211 2.30 20.24 18.03
CA ASN B 211 3.36 20.19 19.03
C ASN B 211 4.48 21.16 18.64
N LYS B 212 5.31 21.51 19.61
CA LYS B 212 6.27 22.59 19.40
C LYS B 212 7.41 22.17 18.48
N TYR B 213 7.48 20.89 18.10
CA TYR B 213 8.49 20.39 17.17
C TYR B 213 7.92 20.21 15.75
N SER B 214 6.66 20.61 15.51
CA SER B 214 6.01 20.29 14.24
C SER B 214 6.19 21.42 13.22
N ASN B 215 6.39 21.06 11.96
CA ASN B 215 6.56 22.06 10.91
C ASN B 215 5.40 22.02 9.91
N ILE B 216 4.40 21.15 10.11
CA ILE B 216 3.24 21.15 9.22
C ILE B 216 2.01 21.68 9.94
N ASP B 217 1.12 22.32 9.18
CA ASP B 217 -0.07 22.97 9.69
C ASP B 217 -1.29 22.26 9.12
N LEU B 218 -1.99 21.47 9.94
CA LEU B 218 -3.08 20.65 9.45
C LEU B 218 -4.36 21.47 9.33
N GLY B 219 -4.33 22.73 9.81
CA GLY B 219 -5.34 23.73 9.50
C GLY B 219 -6.38 23.98 10.61
N LEU B 220 -6.17 23.45 11.82
CA LEU B 220 -7.11 23.69 12.92
C LEU B 220 -6.47 24.50 14.05
N THR B 221 -5.52 25.41 13.74
CA THR B 221 -4.82 26.05 14.84
C THR B 221 -5.71 27.11 15.49
N GLN B 222 -6.62 27.68 14.70
CA GLN B 222 -7.55 28.69 15.18
C GLN B 222 -8.38 28.13 16.35
N TRP B 223 -8.39 26.81 16.49
CA TRP B 223 -9.13 26.15 17.56
C TRP B 223 -8.24 25.94 18.77
N GLY B 224 -6.99 26.40 18.69
CA GLY B 224 -6.06 26.29 19.80
C GLY B 224 -5.02 25.17 19.70
N PHE B 225 -5.00 24.42 18.60
CA PHE B 225 -4.07 23.31 18.43
C PHE B 225 -2.71 23.81 17.92
N LYS B 226 -2.03 24.62 18.75
CA LYS B 226 -0.63 24.99 18.61
C LYS B 226 -0.06 25.11 20.01
N GLN B 227 0.79 24.16 20.42
CA GLN B 227 1.45 24.14 21.72
C GLN B 227 2.38 25.35 21.82
N LEU B 228 2.31 26.09 22.95
CA LEU B 228 3.11 27.29 23.20
C LEU B 228 4.51 26.86 23.64
N PRO B 229 5.58 27.66 23.39
CA PRO B 229 6.93 27.09 23.30
C PRO B 229 7.42 26.64 24.68
N ASN B 230 6.75 27.20 25.71
CA ASN B 230 7.12 27.06 27.11
C ASN B 230 6.09 26.24 27.87
N GLU B 231 5.19 25.55 27.16
CA GLU B 231 4.05 24.85 27.76
C GLU B 231 4.31 23.35 27.68
N SER B 232 3.98 22.62 28.74
CA SER B 232 4.20 21.18 28.69
C SER B 232 3.13 20.53 27.82
N TYR B 233 3.42 19.32 27.32
CA TYR B 233 2.42 18.63 26.51
C TYR B 233 1.17 18.39 27.37
N ILE B 234 1.37 18.13 28.67
CA ILE B 234 0.23 17.86 29.53
C ILE B 234 -0.67 19.07 29.69
N ASP B 235 -0.06 20.26 29.83
CA ASP B 235 -0.84 21.49 29.95
C ASP B 235 -1.52 21.77 28.62
N TYR B 236 -0.84 21.41 27.52
CA TYR B 236 -1.35 21.58 26.16
C TYR B 236 -2.64 20.79 26.00
N ILE B 237 -2.55 19.46 26.20
CA ILE B 237 -3.70 18.58 26.23
C ILE B 237 -4.85 19.23 27.02
N LYS B 238 -4.54 19.68 28.24
CA LYS B 238 -5.53 20.25 29.16
C LYS B 238 -6.15 21.50 28.53
N ARG B 239 -5.30 22.44 28.07
CA ARG B 239 -5.79 23.70 27.56
C ARG B 239 -6.79 23.47 26.43
N VAL B 240 -6.48 22.48 25.61
CA VAL B 240 -7.09 22.35 24.29
C VAL B 240 -8.34 21.48 24.40
N SER B 241 -8.49 20.75 25.51
CA SER B 241 -9.65 19.89 25.66
C SER B 241 -10.87 20.72 26.01
N LYS B 242 -10.66 22.01 26.27
CA LYS B 242 -11.78 22.92 26.52
C LYS B 242 -12.30 23.51 25.21
N SER B 243 -11.57 23.31 24.12
CA SER B 243 -11.88 23.92 22.82
C SER B 243 -13.23 23.43 22.30
N LYS B 244 -13.96 24.31 21.59
CA LYS B 244 -15.26 23.97 21.02
C LYS B 244 -15.13 22.94 19.90
N ILE B 245 -13.93 22.81 19.32
CA ILE B 245 -13.70 21.96 18.15
C ILE B 245 -14.29 20.57 18.33
N TRP B 246 -14.23 20.01 19.55
CA TRP B 246 -14.58 18.61 19.73
C TRP B 246 -16.04 18.36 19.39
N THR B 247 -16.88 19.36 19.64
CA THR B 247 -18.30 19.15 19.44
C THR B 247 -18.86 20.12 18.39
N SER B 248 -17.97 20.90 17.76
CA SER B 248 -18.41 21.87 16.76
C SER B 248 -18.68 21.19 15.42
N ASP B 249 -19.34 21.97 14.56
CA ASP B 249 -19.79 21.58 13.23
C ASP B 249 -19.03 22.41 12.21
N ASP B 250 -18.15 23.30 12.69
CA ASP B 250 -17.42 24.22 11.85
C ASP B 250 -16.11 23.52 11.44
N ASN B 251 -16.27 22.38 10.75
CA ASN B 251 -15.18 21.48 10.44
C ASN B 251 -15.47 20.73 9.13
N ALA B 252 -14.43 20.21 8.48
CA ALA B 252 -14.63 19.54 7.19
C ALA B 252 -15.55 18.31 7.29
N ALA B 253 -15.38 17.49 8.32
CA ALA B 253 -16.12 16.24 8.36
C ALA B 253 -17.62 16.52 8.23
N TYR B 254 -18.10 17.57 8.89
CA TYR B 254 -19.52 17.91 8.86
C TYR B 254 -19.93 18.42 7.48
N ASP B 255 -19.14 19.35 6.91
CA ASP B 255 -19.49 19.94 5.63
C ASP B 255 -19.55 18.90 4.49
N LEU B 256 -19.09 17.66 4.73
CA LEU B 256 -18.99 16.68 3.66
C LEU B 256 -20.16 15.71 3.73
N THR B 257 -20.97 15.86 4.78
CA THR B 257 -22.18 15.05 4.97
C THR B 257 -23.24 15.55 3.99
N LEU B 258 -24.33 14.78 3.87
CA LEU B 258 -25.40 15.15 2.95
C LEU B 258 -26.04 16.46 3.45
N ASP B 259 -26.34 16.52 4.75
CA ASP B 259 -26.89 17.71 5.38
C ASP B 259 -25.95 18.89 5.13
N GLY B 260 -24.69 18.70 5.52
CA GLY B 260 -23.67 19.73 5.45
C GLY B 260 -23.55 20.31 4.04
N SER B 261 -23.58 19.41 3.05
CA SER B 261 -23.36 19.86 1.68
C SER B 261 -24.58 20.62 1.17
N ALA B 262 -25.77 20.12 1.55
CA ALA B 262 -27.05 20.75 1.28
C ALA B 262 -27.03 22.21 1.75
N LYS B 263 -26.64 22.43 3.01
CA LYS B 263 -26.56 23.77 3.57
C LYS B 263 -25.85 24.71 2.61
N LEU B 264 -24.76 24.25 2.01
CA LEU B 264 -23.99 25.13 1.15
C LEU B 264 -24.76 25.36 -0.15
N ASN B 265 -25.56 24.36 -0.52
CA ASN B 265 -26.29 24.41 -1.78
C ASN B 265 -27.39 25.46 -1.68
N ASN B 266 -28.08 25.42 -0.53
CA ASN B 266 -29.18 26.30 -0.14
C ASN B 266 -28.72 27.76 -0.06
N MET B 267 -27.44 27.99 0.19
CA MET B 267 -27.01 29.38 0.35
C MET B 267 -26.12 29.83 -0.82
N THR B 268 -26.10 29.07 -1.92
CA THR B 268 -25.32 29.51 -3.08
C THR B 268 -26.23 29.63 -4.29
N SER B 269 -25.77 30.39 -5.29
CA SER B 269 -26.60 30.69 -6.45
C SER B 269 -25.68 30.92 -7.64
N MET B 270 -26.24 30.81 -8.84
CA MET B 270 -25.41 30.83 -10.04
C MET B 270 -25.06 32.26 -10.42
N ASN B 271 -23.76 32.54 -10.53
CA ASN B 271 -23.30 33.79 -11.11
C ASN B 271 -23.33 33.63 -12.62
N PRO B 272 -24.18 34.37 -13.35
CA PRO B 272 -24.26 34.16 -14.80
C PRO B 272 -23.13 34.75 -15.65
N ASN B 273 -22.03 35.20 -15.04
CA ASN B 273 -20.83 35.45 -15.84
C ASN B 273 -19.75 34.38 -15.64
N ILE B 274 -19.98 33.49 -14.68
CA ILE B 274 -18.99 32.46 -14.41
C ILE B 274 -19.29 31.26 -15.31
N THR B 275 -18.23 30.65 -15.85
CA THR B 275 -18.38 29.42 -16.63
C THR B 275 -18.19 28.20 -15.74
N TYR B 276 -19.30 27.49 -15.45
CA TYR B 276 -19.28 26.37 -14.51
C TYR B 276 -19.21 25.04 -15.25
N THR B 277 -18.27 24.19 -14.82
CA THR B 277 -18.00 22.93 -15.47
C THR B 277 -17.65 21.84 -14.44
N THR B 278 -18.11 20.60 -14.63
CA THR B 278 -17.80 19.53 -13.68
C THR B 278 -17.32 18.24 -14.35
N TYR B 279 -16.42 17.51 -13.66
CA TYR B 279 -16.01 16.16 -14.04
C TYR B 279 -16.30 15.17 -12.92
N THR B 280 -16.49 13.90 -13.29
CA THR B 280 -16.93 12.87 -12.35
C THR B 280 -16.29 11.54 -12.73
N GLY B 281 -16.00 10.72 -11.71
CA GLY B 281 -15.44 9.42 -12.02
C GLY B 281 -16.33 8.31 -11.51
N VAL B 282 -16.27 7.15 -12.19
CA VAL B 282 -16.85 5.92 -11.67
C VAL B 282 -15.72 4.89 -11.57
N SER B 283 -15.79 4.07 -10.52
CA SER B 283 -14.72 3.17 -10.17
C SER B 283 -15.31 2.05 -9.33
N SER B 284 -16.63 1.89 -9.46
CA SER B 284 -17.35 0.78 -8.86
C SER B 284 -17.99 -0.03 -10.00
N HIS B 285 -18.50 -1.21 -9.66
CA HIS B 285 -19.15 -2.10 -10.61
C HIS B 285 -20.33 -2.78 -9.91
N THR B 286 -21.32 -3.18 -10.72
CA THR B 286 -22.57 -3.67 -10.15
C THR B 286 -22.40 -5.14 -9.80
N GLY B 287 -22.76 -5.49 -8.56
CA GLY B 287 -22.62 -6.82 -8.03
C GLY B 287 -23.86 -7.67 -8.29
N PRO B 288 -23.96 -8.88 -7.68
CA PRO B 288 -25.10 -9.77 -7.91
C PRO B 288 -26.45 -9.12 -7.61
N LEU B 289 -26.57 -8.47 -6.44
CA LEU B 289 -27.88 -8.02 -5.97
C LEU B 289 -28.16 -6.55 -6.32
N GLY B 290 -27.28 -5.92 -7.10
CA GLY B 290 -27.52 -4.57 -7.59
C GLY B 290 -26.75 -3.50 -6.81
N TYR B 291 -26.00 -3.95 -5.79
CA TYR B 291 -25.11 -3.10 -5.02
C TYR B 291 -23.82 -2.83 -5.79
N GLU B 292 -23.06 -1.80 -5.37
CA GLU B 292 -21.87 -1.42 -6.10
C GLU B 292 -20.63 -1.70 -5.25
N ASN B 293 -19.61 -2.29 -5.88
CA ASN B 293 -18.37 -2.61 -5.20
C ASN B 293 -17.20 -1.96 -5.93
N PRO B 294 -16.13 -1.61 -5.21
CA PRO B 294 -14.97 -0.97 -5.84
C PRO B 294 -14.31 -1.94 -6.82
N ASP B 295 -13.97 -1.41 -8.00
CA ASP B 295 -13.12 -2.08 -8.97
C ASP B 295 -11.73 -2.29 -8.37
N LEU B 296 -11.09 -3.42 -8.71
CA LEU B 296 -9.63 -3.51 -8.58
C LEU B 296 -9.13 -2.27 -9.30
N GLY B 297 -8.26 -1.50 -8.65
CA GLY B 297 -7.82 -0.28 -9.33
C GLY B 297 -8.25 0.97 -8.58
N THR B 298 -9.37 0.84 -7.86
CA THR B 298 -9.74 1.82 -6.87
C THR B 298 -8.66 1.87 -5.78
N PHE B 299 -7.97 3.00 -5.68
CA PHE B 299 -6.98 3.19 -4.63
C PHE B 299 -7.48 2.61 -3.30
N PHE B 300 -6.60 1.85 -2.62
CA PHE B 300 -7.00 0.89 -1.60
C PHE B 300 -7.56 1.56 -0.34
N LEU B 301 -7.14 2.81 -0.07
CA LEU B 301 -7.60 3.49 1.13
C LEU B 301 -9.08 3.86 1.02
N MET B 302 -9.64 3.79 -0.19
CA MET B 302 -11.05 4.10 -0.38
C MET B 302 -11.87 2.81 -0.42
N ASP B 303 -11.28 1.69 -0.01
CA ASP B 303 -11.99 0.44 -0.16
C ASP B 303 -13.27 0.45 0.67
N THR B 304 -13.15 0.81 1.95
CA THR B 304 -14.31 0.65 2.81
C THR B 304 -15.38 1.70 2.50
N THR B 305 -14.97 2.94 2.30
CA THR B 305 -15.92 3.97 1.93
C THR B 305 -16.72 3.56 0.69
N SER B 306 -16.01 3.08 -0.33
CA SER B 306 -16.66 2.67 -1.58
C SER B 306 -17.76 1.63 -1.35
N ARG B 307 -17.59 0.80 -0.32
CA ARG B 307 -18.52 -0.29 -0.07
C ARG B 307 -19.73 0.27 0.69
N ILE B 308 -19.47 1.17 1.64
CA ILE B 308 -20.52 1.84 2.39
C ILE B 308 -21.44 2.57 1.44
N ILE B 309 -20.85 3.34 0.53
CA ILE B 309 -21.61 4.10 -0.45
C ILE B 309 -22.38 3.13 -1.33
N GLY B 310 -21.69 2.12 -1.85
CA GLY B 310 -22.26 1.29 -2.89
C GLY B 310 -23.36 0.36 -2.37
N HIS B 311 -23.53 0.31 -1.04
CA HIS B 311 -24.53 -0.56 -0.43
C HIS B 311 -25.68 0.29 0.10
N ASP B 312 -25.82 1.51 -0.45
CA ASP B 312 -26.83 2.47 0.00
C ASP B 312 -28.21 1.91 -0.34
N ALA B 313 -29.19 2.21 0.52
CA ALA B 313 -30.56 1.79 0.27
C ALA B 313 -31.09 2.44 -1.02
N ARG B 314 -31.07 3.79 -1.12
CA ARG B 314 -31.41 4.48 -2.37
C ARG B 314 -30.40 4.05 -3.44
N GLU B 315 -30.91 3.55 -4.56
CA GLU B 315 -30.12 2.84 -5.55
C GLU B 315 -29.30 3.82 -6.39
N GLU B 316 -29.82 5.03 -6.57
CA GLU B 316 -29.22 6.02 -7.44
C GLU B 316 -28.04 6.68 -6.73
N TRP B 317 -27.83 6.31 -5.45
CA TRP B 317 -26.76 6.83 -4.62
C TRP B 317 -25.57 5.88 -4.53
N ARG B 318 -25.43 4.91 -5.44
CA ARG B 318 -24.50 3.81 -5.19
C ARG B 318 -23.22 3.93 -6.03
N LYS B 319 -23.34 4.10 -7.36
CA LYS B 319 -22.17 4.25 -8.21
C LYS B 319 -21.33 5.40 -7.65
N ASN B 320 -20.03 5.14 -7.48
CA ASN B 320 -19.13 5.99 -6.74
C ASN B 320 -17.71 5.92 -7.33
N ASP B 321 -16.84 6.86 -6.92
CA ASP B 321 -15.46 6.89 -7.36
C ASP B 321 -14.53 6.45 -6.23
N GLY B 322 -15.11 5.86 -5.17
CA GLY B 322 -14.40 5.44 -3.98
C GLY B 322 -14.86 6.16 -2.72
N VAL B 323 -15.13 7.48 -2.83
CA VAL B 323 -15.68 8.20 -1.68
C VAL B 323 -16.79 9.16 -2.11
N VAL B 324 -16.96 9.43 -3.40
CA VAL B 324 -18.06 10.30 -3.77
C VAL B 324 -18.97 9.63 -4.78
N PRO B 325 -20.29 9.57 -4.45
CA PRO B 325 -21.25 8.89 -5.31
C PRO B 325 -21.53 9.83 -6.47
N VAL B 326 -22.00 9.26 -7.58
CA VAL B 326 -22.07 9.99 -8.84
C VAL B 326 -23.07 11.15 -8.76
N ILE B 327 -24.29 10.91 -8.21
CA ILE B 327 -25.30 11.95 -7.98
C ILE B 327 -24.64 13.17 -7.36
N SER B 328 -23.74 12.94 -6.40
CA SER B 328 -23.14 14.02 -5.65
C SER B 328 -22.16 14.84 -6.52
N SER B 329 -21.51 14.19 -7.50
CA SER B 329 -20.42 14.84 -8.19
C SER B 329 -20.88 15.64 -9.40
N LEU B 330 -21.99 15.20 -10.02
CA LEU B 330 -22.38 15.70 -11.31
C LEU B 330 -22.58 17.21 -11.23
N HIS B 331 -23.46 17.63 -10.33
CA HIS B 331 -23.83 19.03 -10.10
C HIS B 331 -24.47 19.12 -8.71
N PRO B 332 -24.47 20.30 -8.04
CA PRO B 332 -25.28 20.50 -6.84
C PRO B 332 -26.70 20.27 -7.30
N SER B 333 -27.49 19.52 -6.50
CA SER B 333 -28.71 18.91 -7.01
C SER B 333 -29.80 19.93 -7.28
N ASN B 334 -29.75 21.07 -6.60
CA ASN B 334 -30.80 22.06 -6.69
C ASN B 334 -30.37 23.22 -7.61
N GLN B 335 -29.44 23.01 -8.55
CA GLN B 335 -28.96 24.11 -9.37
C GLN B 335 -28.98 23.72 -10.85
N PRO B 336 -28.96 24.68 -11.80
CA PRO B 336 -29.12 24.37 -13.22
C PRO B 336 -27.89 23.67 -13.82
N PHE B 337 -28.13 22.64 -14.64
CA PHE B 337 -27.01 21.94 -15.25
C PHE B 337 -27.37 21.49 -16.65
N VAL B 338 -26.35 21.21 -17.45
CA VAL B 338 -26.54 20.67 -18.79
C VAL B 338 -25.45 19.62 -19.07
N ASN B 339 -25.88 18.45 -19.53
CA ASN B 339 -24.96 17.41 -19.95
C ASN B 339 -24.19 17.85 -21.20
N VAL B 340 -22.90 17.53 -21.21
CA VAL B 340 -22.02 17.98 -22.26
C VAL B 340 -21.25 16.76 -22.80
N THR B 341 -20.66 16.97 -23.98
CA THR B 341 -19.86 16.02 -24.75
C THR B 341 -18.40 16.38 -24.58
N ASN B 342 -17.49 15.45 -24.92
CA ASN B 342 -16.06 15.73 -24.77
C ASN B 342 -15.57 16.80 -25.74
N ASN B 343 -16.30 16.95 -26.86
CA ASN B 343 -15.87 17.80 -27.96
C ASN B 343 -16.61 19.13 -27.93
N GLU B 344 -17.84 19.11 -27.41
CA GLU B 344 -18.62 20.32 -27.20
C GLU B 344 -17.79 21.27 -26.34
N PRO B 345 -17.42 22.47 -26.85
CA PRO B 345 -16.59 23.40 -26.07
C PRO B 345 -17.48 23.93 -24.95
N ALA B 346 -16.92 24.06 -23.74
CA ALA B 346 -17.73 24.20 -22.54
C ALA B 346 -17.75 25.66 -22.08
N THR B 347 -18.64 26.43 -22.69
CA THR B 347 -18.42 27.85 -22.89
C THR B 347 -19.66 28.60 -22.39
N ARG B 348 -20.70 27.83 -22.04
CA ARG B 348 -21.92 28.36 -21.46
C ARG B 348 -21.67 28.95 -20.07
N ARG B 349 -21.99 30.24 -19.91
CA ARG B 349 -22.01 30.84 -18.58
C ARG B 349 -23.30 30.49 -17.84
N GLY B 350 -23.22 30.46 -16.50
CA GLY B 350 -24.41 30.44 -15.66
C GLY B 350 -24.98 29.06 -15.39
N ILE B 351 -24.43 28.04 -16.04
CA ILE B 351 -25.02 26.72 -15.84
C ILE B 351 -23.91 25.71 -15.69
N TRP B 352 -24.19 24.70 -14.85
CA TRP B 352 -23.25 23.62 -14.57
C TRP B 352 -23.13 22.72 -15.79
N GLN B 353 -22.03 22.87 -16.54
CA GLN B 353 -21.75 22.01 -17.68
C GLN B 353 -21.13 20.70 -17.21
N VAL B 354 -21.95 19.63 -17.17
CA VAL B 354 -21.47 18.34 -16.67
C VAL B 354 -20.88 17.46 -17.76
N LYS B 355 -19.53 17.37 -17.75
CA LYS B 355 -18.72 16.55 -18.63
C LYS B 355 -19.04 15.07 -18.45
N PRO B 356 -18.83 14.20 -19.47
CA PRO B 356 -19.27 12.80 -19.37
C PRO B 356 -18.39 12.07 -18.35
N ILE B 357 -19.00 11.13 -17.62
CA ILE B 357 -18.29 10.39 -16.58
C ILE B 357 -17.02 9.72 -17.13
N LEU B 358 -15.89 9.87 -16.43
CA LEU B 358 -14.65 9.14 -16.74
C LEU B 358 -14.68 7.75 -16.10
N GLN B 359 -14.84 6.73 -16.96
CA GLN B 359 -14.97 5.34 -16.57
C GLN B 359 -13.64 4.85 -16.01
N GLY B 360 -13.68 4.33 -14.78
CA GLY B 360 -12.50 3.75 -14.15
C GLY B 360 -11.51 4.76 -13.58
N TRP B 361 -11.93 6.02 -13.46
CA TRP B 361 -11.20 6.99 -12.65
C TRP B 361 -11.78 7.00 -11.25
N ASP B 362 -10.91 6.87 -10.25
CA ASP B 362 -11.37 6.92 -8.86
C ASP B 362 -11.07 8.33 -8.33
N HIS B 363 -11.50 8.55 -7.08
CA HIS B 363 -11.38 9.86 -6.49
C HIS B 363 -9.98 10.42 -6.72
N VAL B 364 -8.95 9.60 -6.50
CA VAL B 364 -7.58 10.11 -6.48
C VAL B 364 -6.93 10.03 -7.87
N ASP B 365 -7.54 9.25 -8.78
CA ASP B 365 -7.01 9.20 -10.13
C ASP B 365 -6.96 10.59 -10.75
N PHE B 366 -7.88 11.47 -10.33
CA PHE B 366 -7.97 12.81 -10.88
C PHE B 366 -6.72 13.64 -10.63
N ILE B 367 -5.94 13.23 -9.62
CA ILE B 367 -4.79 14.01 -9.20
C ILE B 367 -3.52 13.16 -9.30
N GLY B 368 -3.67 11.91 -9.77
CA GLY B 368 -2.59 11.09 -10.26
C GLY B 368 -1.72 10.50 -9.16
N VAL B 369 -2.31 10.23 -8.00
CA VAL B 369 -1.52 9.79 -6.85
C VAL B 369 -1.76 8.31 -6.57
N ASP B 370 -2.55 7.63 -7.40
CA ASP B 370 -2.76 6.19 -7.25
C ASP B 370 -1.64 5.46 -7.99
N PHE B 371 -0.46 5.38 -7.39
CA PHE B 371 0.69 4.76 -8.02
C PHE B 371 0.48 3.25 -8.21
N LEU B 372 -0.49 2.67 -7.51
CA LEU B 372 -0.83 1.26 -7.71
C LEU B 372 -1.53 1.01 -9.05
N ASP B 373 -2.03 2.03 -9.76
CA ASP B 373 -2.91 1.80 -10.90
C ASP B 373 -2.19 2.08 -12.23
N PHE B 374 -1.63 1.03 -12.85
CA PHE B 374 -0.88 1.12 -14.10
C PHE B 374 -1.81 1.50 -15.24
N LYS B 375 -3.10 1.14 -15.11
CA LYS B 375 -4.11 1.43 -16.12
C LYS B 375 -4.31 2.95 -16.29
N ARG B 376 -3.89 3.75 -15.32
CA ARG B 376 -4.06 5.18 -15.37
C ARG B 376 -2.73 5.86 -15.70
N LYS B 377 -2.42 6.02 -16.98
CA LYS B 377 -1.09 6.47 -17.35
C LYS B 377 -0.95 7.99 -17.24
N GLY B 378 0.31 8.42 -17.19
CA GLY B 378 0.61 9.83 -17.04
C GLY B 378 0.20 10.63 -18.28
N SER B 379 0.40 10.04 -19.45
CA SER B 379 0.05 10.72 -20.69
C SER B 379 -1.45 11.00 -20.70
N GLU B 380 -2.24 10.06 -20.14
CA GLU B 380 -3.69 10.25 -20.04
C GLU B 380 -3.97 11.45 -19.16
N LEU B 381 -3.32 11.50 -17.99
CA LEU B 381 -3.58 12.57 -17.05
C LEU B 381 -3.16 13.92 -17.66
N ALA B 382 -2.05 13.95 -18.39
CA ALA B 382 -1.59 15.17 -19.00
C ALA B 382 -2.60 15.71 -20.03
N ASN B 383 -3.30 14.81 -20.73
CA ASN B 383 -4.33 15.19 -21.68
C ASN B 383 -5.47 15.86 -20.95
N PHE B 384 -5.92 15.23 -19.88
CA PHE B 384 -7.03 15.72 -19.09
C PHE B 384 -6.77 17.15 -18.62
N TYR B 385 -5.59 17.42 -18.04
CA TYR B 385 -5.24 18.74 -17.53
C TYR B 385 -5.14 19.73 -18.70
N ILE B 386 -4.46 19.34 -19.79
CA ILE B 386 -4.39 20.20 -20.96
C ILE B 386 -5.82 20.50 -21.43
N GLY B 387 -6.66 19.46 -21.44
CA GLY B 387 -8.09 19.59 -21.69
C GLY B 387 -8.67 20.80 -20.97
N ILE B 388 -8.51 20.80 -19.64
CA ILE B 388 -9.05 21.82 -18.75
C ILE B 388 -8.51 23.20 -19.14
N ILE B 389 -7.19 23.32 -19.32
CA ILE B 389 -6.59 24.59 -19.70
C ILE B 389 -7.19 25.10 -21.01
N ASN B 390 -7.48 24.18 -21.95
CA ASN B 390 -8.05 24.54 -23.23
C ASN B 390 -9.41 25.22 -23.02
N ASP B 391 -10.33 24.48 -22.39
CA ASP B 391 -11.63 25.00 -21.99
C ASP B 391 -11.48 26.39 -21.37
N LEU B 392 -10.45 26.58 -20.55
CA LEU B 392 -10.28 27.86 -19.85
C LEU B 392 -9.91 28.94 -20.85
N LEU B 393 -8.92 28.64 -21.71
CA LEU B 393 -8.55 29.49 -22.81
C LEU B 393 -9.80 29.87 -23.64
N SER B 394 -10.71 28.92 -23.86
CA SER B 394 -11.93 29.17 -24.59
C SER B 394 -12.78 30.22 -23.89
N VAL B 395 -12.95 30.04 -22.57
CA VAL B 395 -13.72 30.98 -21.79
C VAL B 395 -13.11 32.37 -21.94
N GLU B 396 -11.78 32.45 -21.92
CA GLU B 396 -11.09 33.71 -22.09
C GLU B 396 -11.44 34.31 -23.45
N ALA B 397 -11.41 33.48 -24.49
CA ALA B 397 -11.53 33.97 -25.84
C ALA B 397 -12.99 34.23 -26.22
N THR B 398 -13.95 33.78 -25.40
CA THR B 398 -15.34 34.04 -25.72
C THR B 398 -15.95 35.07 -24.77
N GLU B 399 -15.17 36.11 -24.43
CA GLU B 399 -15.71 37.19 -23.61
C GLU B 399 -16.15 38.37 -24.48
#